data_4KXB
#
_entry.id   4KXB
#
_cell.length_a   141.852
_cell.length_b   141.852
_cell.length_c   237.061
_cell.angle_alpha   90.00
_cell.angle_beta   90.00
_cell.angle_gamma   120.00
#
_symmetry.space_group_name_H-M   'P 64 2 2'
#
loop_
_entity.id
_entity.type
_entity.pdbx_description
1 polymer 'Glutamyl aminopeptidase'
2 branched 2-acetamido-2-deoxy-beta-D-glucopyranose-(1-4)-2-acetamido-2-deoxy-beta-D-glucopyranose
3 branched 2-acetamido-2-deoxy-beta-D-glucopyranose-(1-4)-2-acetamido-2-deoxy-beta-D-glucopyranose-(1-4)-2-acetamido-2-deoxy-beta-D-glucopyranose
4 non-polymer 'ZINC ION'
5 non-polymer 2-acetamido-2-deoxy-beta-D-glucopyranose
6 non-polymer '2-(3-AMINO-2-HYDROXY-4-PHENYL-BUTYRYLAMINO)-4-METHYL-PENTANOIC ACID'
7 water water
#
_entity_poly.entity_id   1
_entity_poly.type   'polypeptide(L)'
_entity_poly.pdbx_seq_one_letter_code
;DICPASEDESGQWKNFRLPDFVNPVHYDLHVKPLLEEDTYTGTVSISINLSAPTRYLWLHLRETRITRLPELKRPSGDQV
QVRRCFEYKKQEYVVVEAEEELTPSSGDGLYLLTMEFAGWLNGSLVGFYRTTYTENGRVKSIAATDHEPTDARKSFPCFD
EPNKKATYTISITHPKEYGALSNMPVAKEESVDDKWTRTTFEKSVPMSTYLVCFAVHQFDSVKRISNSGKPLTIYVQPEQ
KHTAEYAANITKSVFDYFEEYFAMNYSLPKLDKIAIPDFGTGAMENWGLITYRETNLLYDPKESASSNQQRVATVVAHEL
VHQWFGNIVTMDWWEDLWLNEGFASFFEFLGVNHAETDWQMRDQMLLEDVLPVQEDDSLMSSHPIIVTVTTPDEITSVFD
GISYSKGSSILRMLEDWIKPENFQKGCQMYLEKYQFKNAKTSDFWAALEEASRLPVKEVMDTWTRQMGYPVLNVNGVKNI
TQKRFLLDPRANPSQPPSDLGYTWNIPVKWTEDNITSSVLFNRSEKEGITLNSSNPSGNAFLKINPDHIGFYRVNYEVAT
WDSIATALSLNHKTFSSADRASLIDDAFALARAQLLDYKVALNLTKYLKREENFLPWQRVISAVTYIISMFEDDKELYPM
IEEYFQGQVKPIADSLGWNDAGDHVTKLLRSSVLGFACKMGDREALNNASSLFEQWLNGTVSLPVNLRLLVYRYGMQNSG
NEISWNYTLEQYQKTSLAQEKEKLLYGLASVKNVTLLSRYLDLLKDTNLIKTQDVFTVIRYISYNSYGKNMAWNWIQLNW
DYLVNRYTLNNRNLGRIVTIAEPFNTELQLWQMESFFAKYPQAGAGEKPREQVLETVKNNIEWLKQHRNTIREWFFNLLE
SGHHHHHH
;
_entity_poly.pdbx_strand_id   A
#
# COMPACT_ATOMS: atom_id res chain seq x y z
N ASP A 1 34.32 4.77 17.51
CA ASP A 1 35.29 5.87 17.84
C ASP A 1 34.79 6.70 19.03
N ILE A 2 34.18 7.85 18.75
CA ILE A 2 33.42 8.59 19.75
C ILE A 2 32.07 7.90 19.83
N CYS A 3 31.56 7.72 21.04
CA CYS A 3 30.23 7.15 21.21
C CYS A 3 30.18 5.68 20.75
N PRO A 4 31.23 4.89 21.08
CA PRO A 4 31.40 3.60 20.42
C PRO A 4 30.39 2.54 20.86
N ALA A 5 30.31 1.47 20.07
CA ALA A 5 29.45 0.31 20.37
C ALA A 5 29.90 -0.44 21.61
N SER A 6 28.93 -0.95 22.39
CA SER A 6 29.21 -1.82 23.53
C SER A 6 28.12 -2.87 23.68
N GLU A 7 28.51 -4.05 24.13
CA GLU A 7 27.57 -5.15 24.28
C GLU A 7 27.03 -5.24 25.71
N ASP A 8 26.77 -4.07 26.31
CA ASP A 8 26.31 -3.99 27.69
C ASP A 8 24.78 -3.96 27.82
N GLU A 9 24.24 -5.05 28.36
CA GLU A 9 22.78 -5.21 28.52
C GLU A 9 22.22 -4.65 29.84
N SER A 10 23.05 -4.64 30.89
CA SER A 10 22.60 -4.25 32.22
C SER A 10 22.13 -2.80 32.26
N GLY A 11 20.89 -2.58 31.82
CA GLY A 11 20.26 -1.27 31.77
C GLY A 11 18.94 -1.38 31.01
N GLN A 12 18.11 -0.35 31.07
CA GLN A 12 16.78 -0.37 30.44
C GLN A 12 16.82 -0.18 28.91
N TRP A 13 18.02 0.09 28.39
CA TRP A 13 18.24 0.22 26.96
C TRP A 13 18.26 -1.14 26.24
N LYS A 14 18.27 -2.23 27.02
CA LYS A 14 18.15 -3.58 26.44
C LYS A 14 16.72 -3.83 25.95
N ASN A 15 15.78 -3.04 26.48
CA ASN A 15 14.39 -3.07 26.07
C ASN A 15 14.25 -2.57 24.65
N PHE A 16 13.51 -3.33 23.85
CA PHE A 16 13.17 -2.93 22.50
C PHE A 16 12.41 -1.60 22.53
N ARG A 17 11.57 -1.46 23.54
CA ARG A 17 10.66 -0.37 23.61
C ARG A 17 11.30 0.73 24.50
N LEU A 18 11.01 2.00 24.21
CA LEU A 18 11.55 3.13 25.00
C LEU A 18 10.89 3.18 26.38
N PRO A 19 11.60 3.70 27.39
CA PRO A 19 11.00 3.81 28.72
C PRO A 19 9.83 4.80 28.75
N ASP A 20 8.93 4.58 29.70
CA ASP A 20 7.74 5.42 29.88
C ASP A 20 8.03 6.78 30.51
N PHE A 21 9.18 6.91 31.19
CA PHE A 21 9.47 8.08 32.03
C PHE A 21 10.30 9.20 31.36
N VAL A 22 10.73 8.95 30.13
CA VAL A 22 11.46 9.96 29.35
C VAL A 22 10.57 10.42 28.21
N ASN A 23 10.26 11.72 28.19
CA ASN A 23 9.38 12.28 27.17
C ASN A 23 9.90 13.60 26.59
N PRO A 24 10.12 13.66 25.27
CA PRO A 24 10.57 14.91 24.66
C PRO A 24 9.43 15.90 24.55
N VAL A 25 9.73 17.19 24.64
CA VAL A 25 8.70 18.22 24.43
C VAL A 25 8.97 18.97 23.12
N HIS A 26 10.23 19.37 22.92
CA HIS A 26 10.60 20.20 21.77
C HIS A 26 11.93 19.82 21.16
N TYR A 27 11.96 19.81 19.82
CA TYR A 27 13.16 19.55 19.06
C TYR A 27 13.68 20.81 18.37
N ASP A 28 14.94 21.16 18.66
CA ASP A 28 15.69 22.15 17.89
C ASP A 28 16.68 21.43 17.00
N LEU A 29 16.34 21.36 15.70
CA LEU A 29 17.12 20.57 14.74
C LEU A 29 17.72 21.41 13.61
N HIS A 30 19.04 21.32 13.48
CA HIS A 30 19.74 21.97 12.38
C HIS A 30 20.56 20.96 11.59
N VAL A 31 20.39 20.98 10.26
CA VAL A 31 21.16 20.11 9.37
C VAL A 31 21.83 20.94 8.28
N LYS A 32 23.02 20.50 7.86
CA LYS A 32 23.74 21.16 6.78
C LYS A 32 24.22 20.12 5.79
N PRO A 33 23.55 20.01 4.64
CA PRO A 33 23.97 19.04 3.63
C PRO A 33 25.15 19.55 2.79
N LEU A 34 26.09 18.65 2.52
CA LEU A 34 27.10 18.89 1.51
C LEU A 34 26.70 18.10 0.24
N LEU A 35 25.80 18.68 -0.54
CA LEU A 35 25.11 17.96 -1.61
C LEU A 35 26.06 17.19 -2.52
N GLU A 36 27.10 17.87 -2.98
CA GLU A 36 28.06 17.28 -3.92
C GLU A 36 28.95 16.20 -3.25
N GLU A 37 28.96 16.17 -1.93
CA GLU A 37 29.80 15.22 -1.18
C GLU A 37 29.01 14.00 -0.71
N ASP A 38 27.69 14.09 -0.83
CA ASP A 38 26.76 13.08 -0.31
C ASP A 38 26.89 12.92 1.21
N THR A 39 27.08 14.04 1.90
CA THR A 39 27.18 14.02 3.37
C THR A 39 26.34 15.13 3.97
N TYR A 40 26.04 14.99 5.25
CA TYR A 40 25.48 16.09 6.02
C TYR A 40 25.98 16.04 7.45
N THR A 41 25.80 17.15 8.14
CA THR A 41 26.06 17.24 9.56
C THR A 41 24.84 17.92 10.16
N GLY A 42 24.71 17.81 11.47
CA GLY A 42 23.68 18.52 12.21
C GLY A 42 23.92 18.53 13.71
N THR A 43 23.27 19.47 14.37
CA THR A 43 23.14 19.46 15.82
C THR A 43 21.66 19.40 16.12
N VAL A 44 21.31 18.64 17.16
CA VAL A 44 19.94 18.64 17.67
C VAL A 44 19.91 18.86 19.18
N SER A 45 19.03 19.75 19.61
CA SER A 45 18.78 19.99 21.01
C SER A 45 17.36 19.57 21.34
N ILE A 46 17.22 18.72 22.36
CA ILE A 46 15.93 18.15 22.72
C ILE A 46 15.58 18.44 24.19
N SER A 47 14.44 19.09 24.42
CA SER A 47 13.91 19.30 25.77
C SER A 47 13.21 18.02 26.27
N ILE A 48 13.57 17.61 27.49
CA ILE A 48 13.25 16.27 27.99
C ILE A 48 12.53 16.29 29.35
N ASN A 49 11.32 15.74 29.38
CA ASN A 49 10.56 15.55 30.62
C ASN A 49 10.90 14.23 31.30
N LEU A 50 11.75 14.33 32.33
CA LEU A 50 12.21 13.16 33.06
C LEU A 50 11.26 12.90 34.23
N SER A 51 10.91 11.63 34.45
CA SER A 51 9.90 11.27 35.45
C SER A 51 10.43 10.32 36.53
N ALA A 52 11.65 9.82 36.36
CA ALA A 52 12.17 8.82 37.28
C ALA A 52 13.69 8.89 37.43
N PRO A 53 14.21 8.54 38.62
CA PRO A 53 15.65 8.34 38.83
C PRO A 53 16.30 7.50 37.72
N THR A 54 17.22 8.12 37.00
CA THR A 54 17.98 7.43 35.94
C THR A 54 19.37 8.02 35.81
N ARG A 55 20.36 7.15 35.68
CA ARG A 55 21.71 7.61 35.43
C ARG A 55 22.01 7.65 33.92
N TYR A 56 21.10 7.11 33.12
CA TYR A 56 21.30 7.03 31.67
C TYR A 56 20.16 7.68 30.88
N LEU A 57 20.48 8.36 29.78
CA LEU A 57 19.49 8.79 28.81
C LEU A 57 19.77 8.19 27.45
N TRP A 58 18.76 7.56 26.85
CA TRP A 58 18.93 6.90 25.56
C TRP A 58 17.82 7.22 24.57
N LEU A 59 18.16 7.18 23.29
CA LEU A 59 17.24 7.45 22.19
C LEU A 59 17.75 6.79 20.91
N HIS A 60 16.94 6.80 19.86
CA HIS A 60 17.25 6.04 18.65
C HIS A 60 18.24 6.76 17.73
N LEU A 61 19.05 5.94 17.06
CA LEU A 61 20.05 6.41 16.11
C LEU A 61 20.49 5.19 15.30
N ARG A 62 20.53 5.33 13.98
CA ARG A 62 21.08 4.25 13.12
C ARG A 62 21.91 4.79 11.96
N GLU A 63 23.11 4.21 11.80
CA GLU A 63 24.02 4.50 10.69
C GLU A 63 24.72 5.85 10.85
N THR A 64 23.92 6.89 11.03
CA THR A 64 24.41 8.19 11.36
C THR A 64 25.15 8.08 12.71
N ARG A 65 26.30 8.77 12.79
CA ARG A 65 27.17 8.67 13.96
C ARG A 65 27.13 9.97 14.74
N ILE A 66 27.39 9.85 16.04
CA ILE A 66 27.65 11.01 16.88
C ILE A 66 29.13 11.40 16.77
N THR A 67 29.37 12.71 16.63
CA THR A 67 30.71 13.22 16.36
C THR A 67 31.29 14.02 17.54
N ARG A 68 30.39 14.60 18.33
CA ARG A 68 30.77 15.33 19.53
C ARG A 68 30.07 14.72 20.74
N LEU A 69 30.83 14.57 21.82
CA LEU A 69 30.29 14.05 23.07
C LEU A 69 29.12 14.93 23.51
N PRO A 70 27.94 14.32 23.69
CA PRO A 70 26.69 15.05 23.88
C PRO A 70 26.66 15.91 25.14
N GLU A 71 25.74 16.86 25.16
CA GLU A 71 25.70 17.85 26.23
C GLU A 71 24.32 18.00 26.87
N LEU A 72 24.25 17.67 28.17
CA LEU A 72 23.01 17.70 28.95
C LEU A 72 22.90 18.89 29.91
N LYS A 73 21.67 19.37 30.06
CA LYS A 73 21.33 20.55 30.83
C LYS A 73 20.31 20.19 31.91
N ARG A 74 20.52 20.63 33.15
CA ARG A 74 19.49 20.49 34.18
C ARG A 74 18.33 21.45 33.92
N PRO A 75 17.13 21.14 34.46
CA PRO A 75 15.96 22.00 34.22
C PRO A 75 16.15 23.46 34.64
N SER A 76 16.98 23.69 35.66
CA SER A 76 17.31 25.05 36.11
C SER A 76 18.17 25.79 35.07
N GLY A 77 18.93 25.03 34.28
CA GLY A 77 19.74 25.58 33.20
C GLY A 77 21.21 25.20 33.22
N ASP A 78 21.63 24.50 34.27
CA ASP A 78 23.04 24.18 34.49
C ASP A 78 23.52 22.99 33.66
N GLN A 79 24.84 22.86 33.51
CA GLN A 79 25.44 21.78 32.71
C GLN A 79 25.72 20.51 33.53
N VAL A 80 25.36 19.36 32.98
CA VAL A 80 25.45 18.07 33.66
C VAL A 80 26.69 17.28 33.21
N GLN A 81 27.50 16.83 34.17
CA GLN A 81 28.65 15.97 33.91
C GLN A 81 28.25 14.66 33.20
N VAL A 82 28.97 14.33 32.14
CA VAL A 82 28.71 13.14 31.34
C VAL A 82 29.95 12.25 31.32
N ARG A 83 29.82 11.01 31.79
CA ARG A 83 30.94 10.07 31.86
C ARG A 83 31.28 9.44 30.49
N ARG A 84 30.24 8.97 29.80
CA ARG A 84 30.41 8.21 28.57
C ARG A 84 29.23 8.38 27.63
N CYS A 85 29.47 8.11 26.36
CA CYS A 85 28.42 7.80 25.40
C CYS A 85 28.74 6.45 24.81
N PHE A 86 27.70 5.72 24.44
CA PHE A 86 27.87 4.40 23.83
C PHE A 86 26.69 4.05 22.92
N GLU A 87 26.98 3.25 21.91
CA GLU A 87 25.93 2.75 21.05
C GLU A 87 25.59 1.33 21.45
N TYR A 88 24.29 1.09 21.56
CA TYR A 88 23.77 -0.25 21.76
C TYR A 88 23.06 -0.65 20.47
N LYS A 89 23.71 -1.52 19.68
CA LYS A 89 23.29 -1.82 18.31
C LYS A 89 22.01 -2.62 18.24
N LYS A 90 21.88 -3.58 19.16
CA LYS A 90 20.78 -4.55 19.15
C LYS A 90 19.41 -3.88 19.12
N GLN A 91 19.26 -2.75 19.81
CA GLN A 91 17.98 -2.04 19.80
C GLN A 91 18.09 -0.62 19.22
N GLU A 92 19.16 -0.37 18.45
CA GLU A 92 19.36 0.90 17.70
C GLU A 92 19.33 2.14 18.60
N TYR A 93 20.04 2.05 19.72
CA TYR A 93 20.11 3.15 20.67
C TYR A 93 21.50 3.79 20.72
N VAL A 94 21.50 5.10 20.94
CA VAL A 94 22.69 5.73 21.50
C VAL A 94 22.39 6.12 22.94
N VAL A 95 23.24 5.65 23.85
CA VAL A 95 23.05 5.94 25.28
C VAL A 95 24.17 6.81 25.86
N VAL A 96 23.78 7.76 26.70
CA VAL A 96 24.72 8.57 27.45
C VAL A 96 24.53 8.37 28.97
N GLU A 97 25.62 8.01 29.67
CA GLU A 97 25.59 7.89 31.13
C GLU A 97 26.11 9.14 31.87
N ALA A 98 25.21 9.78 32.63
CA ALA A 98 25.56 10.92 33.48
C ALA A 98 26.43 10.43 34.62
N GLU A 99 27.15 11.35 35.24
CA GLU A 99 28.00 10.96 36.33
C GLU A 99 27.23 10.29 37.44
N GLU A 100 26.10 10.87 37.85
CA GLU A 100 25.36 10.33 38.98
C GLU A 100 23.87 10.70 39.07
N GLU A 101 23.10 10.30 38.07
CA GLU A 101 21.63 10.26 38.14
C GLU A 101 21.08 11.66 38.19
N LEU A 102 19.78 11.80 37.93
CA LEU A 102 19.13 13.07 38.25
C LEU A 102 17.60 13.01 38.34
N THR A 103 16.99 14.17 38.40
CA THR A 103 15.71 14.36 39.05
C THR A 103 14.62 14.73 38.07
N PRO A 104 13.43 14.12 38.25
CA PRO A 104 12.27 14.45 37.43
C PRO A 104 12.03 15.97 37.24
N SER A 105 11.48 16.32 36.07
CA SER A 105 11.11 17.69 35.76
C SER A 105 9.75 17.99 36.40
N SER A 106 9.81 18.46 37.64
CA SER A 106 8.63 18.65 38.47
C SER A 106 7.76 19.86 38.08
N GLY A 107 8.40 20.90 37.56
CA GLY A 107 7.69 22.15 37.25
C GLY A 107 7.46 22.33 35.76
N ASP A 108 7.79 23.51 35.27
CA ASP A 108 7.79 23.80 33.83
C ASP A 108 9.21 23.68 33.25
N GLY A 109 10.17 23.36 34.11
CA GLY A 109 11.57 23.21 33.70
C GLY A 109 11.83 21.84 33.11
N LEU A 110 12.70 21.79 32.10
CA LEU A 110 13.01 20.56 31.39
C LEU A 110 14.52 20.38 31.19
N TYR A 111 14.97 19.13 31.09
CA TYR A 111 16.34 18.83 30.67
C TYR A 111 16.53 19.23 29.22
N LEU A 112 17.75 19.61 28.85
CA LEU A 112 18.07 19.88 27.43
C LEU A 112 19.29 19.07 27.00
N LEU A 113 19.10 18.28 25.95
CA LEU A 113 20.14 17.40 25.42
C LEU A 113 20.56 17.81 24.00
N THR A 114 21.87 17.97 23.82
CA THR A 114 22.39 18.45 22.55
C THR A 114 23.43 17.47 22.00
N MET A 115 23.24 17.06 20.75
CA MET A 115 24.12 16.09 20.10
C MET A 115 24.57 16.55 18.71
N GLU A 116 25.83 16.23 18.39
CA GLU A 116 26.38 16.50 17.06
C GLU A 116 26.57 15.21 16.28
N PHE A 117 25.96 15.18 15.09
CA PHE A 117 25.91 13.97 14.27
C PHE A 117 26.33 14.23 12.82
N ALA A 118 26.89 13.20 12.20
CA ALA A 118 27.20 13.21 10.77
C ALA A 118 26.67 11.95 10.06
N GLY A 119 26.02 12.16 8.92
CA GLY A 119 25.45 11.05 8.16
C GLY A 119 25.66 11.13 6.66
N TRP A 120 25.16 10.12 5.95
CA TRP A 120 25.35 9.99 4.51
C TRP A 120 24.07 10.26 3.71
N LEU A 121 24.24 10.81 2.51
CA LEU A 121 23.12 11.08 1.62
C LEU A 121 22.99 10.05 0.49
N ASN A 122 23.99 9.17 0.38
CA ASN A 122 24.13 8.22 -0.73
C ASN A 122 23.71 6.81 -0.35
N GLY A 123 23.43 6.00 -1.38
CA GLY A 123 23.24 4.56 -1.22
C GLY A 123 21.95 4.10 -0.55
N SER A 124 20.94 4.97 -0.49
CA SER A 124 19.72 4.68 0.27
C SER A 124 18.54 5.59 -0.07
N LEU A 125 17.32 5.11 0.20
CA LEU A 125 16.11 5.90 -0.03
C LEU A 125 15.36 6.24 1.26
N VAL A 126 16.00 5.95 2.40
CA VAL A 126 15.44 6.30 3.70
C VAL A 126 16.37 7.23 4.48
N GLY A 127 15.81 7.84 5.53
CA GLY A 127 16.51 8.87 6.24
C GLY A 127 16.56 10.10 5.38
N PHE A 128 17.70 10.78 5.40
CA PHE A 128 17.96 11.99 4.63
C PHE A 128 18.86 11.58 3.48
N TYR A 129 18.46 11.90 2.25
CA TYR A 129 19.21 11.43 1.09
C TYR A 129 19.15 12.40 -0.08
N ARG A 130 20.04 12.17 -1.04
CA ARG A 130 20.13 12.97 -2.25
C ARG A 130 19.91 12.10 -3.48
N THR A 131 19.21 12.64 -4.47
CA THR A 131 19.09 11.97 -5.77
C THR A 131 19.21 13.01 -6.88
N THR A 132 19.30 12.57 -8.12
CA THR A 132 19.52 13.49 -9.23
C THR A 132 18.52 13.35 -10.36
N TYR A 133 18.48 14.38 -11.18
CA TYR A 133 17.70 14.34 -12.40
C TYR A 133 18.40 15.26 -13.36
N THR A 134 17.91 15.32 -14.59
CA THR A 134 18.57 16.06 -15.65
C THR A 134 17.64 17.15 -16.14
N GLU A 135 18.17 18.35 -16.30
CA GLU A 135 17.39 19.48 -16.77
C GLU A 135 18.24 20.27 -17.76
N ASN A 136 17.75 20.39 -18.99
CA ASN A 136 18.51 21.02 -20.06
C ASN A 136 19.96 20.54 -20.16
N GLY A 137 20.13 19.22 -20.02
CA GLY A 137 21.44 18.57 -20.09
C GLY A 137 22.28 18.57 -18.81
N ARG A 138 21.83 19.30 -17.79
CA ARG A 138 22.59 19.44 -16.54
C ARG A 138 22.08 18.47 -15.49
N VAL A 139 23.00 17.84 -14.77
CA VAL A 139 22.63 16.98 -13.66
C VAL A 139 22.32 17.86 -12.46
N LYS A 140 21.09 17.81 -11.99
CA LYS A 140 20.69 18.61 -10.84
C LYS A 140 20.44 17.71 -9.64
N SER A 141 20.39 18.30 -8.46
CA SER A 141 20.26 17.53 -7.23
C SER A 141 19.03 17.93 -6.46
N ILE A 142 18.52 16.99 -5.69
CA ILE A 142 17.44 17.26 -4.74
C ILE A 142 17.66 16.36 -3.54
N ALA A 143 17.44 16.90 -2.35
CA ALA A 143 17.64 16.13 -1.14
C ALA A 143 16.36 16.13 -0.36
N ALA A 144 16.04 14.99 0.20
CA ALA A 144 14.80 14.87 0.95
C ALA A 144 14.90 13.82 2.03
N THR A 145 13.87 13.74 2.87
CA THR A 145 13.77 12.71 3.89
C THR A 145 12.58 11.75 3.69
N ASP A 146 12.72 10.54 4.23
CA ASP A 146 11.63 9.58 4.33
C ASP A 146 11.88 8.71 5.55
N HIS A 147 10.90 8.67 6.46
CA HIS A 147 11.13 8.13 7.80
C HIS A 147 10.27 6.95 8.24
N GLU A 148 9.08 6.81 7.69
CA GLU A 148 8.16 5.80 8.20
C GLU A 148 8.58 4.39 7.84
N PRO A 149 8.66 3.50 8.83
CA PRO A 149 8.32 3.78 10.23
C PRO A 149 9.48 4.04 11.20
N THR A 150 10.65 3.49 10.96
CA THR A 150 11.76 3.65 11.90
C THR A 150 13.02 4.21 11.23
N ASP A 151 12.84 5.25 10.42
CA ASP A 151 13.98 5.83 9.70
C ASP A 151 14.27 7.31 10.07
N ALA A 152 13.41 7.91 10.91
CA ALA A 152 13.73 9.22 11.46
C ALA A 152 15.09 9.14 12.13
N ARG A 153 15.30 8.06 12.87
CA ARG A 153 16.54 7.79 13.58
C ARG A 153 17.80 7.71 12.70
N LYS A 154 17.63 7.58 11.38
CA LYS A 154 18.77 7.61 10.48
C LYS A 154 19.11 9.06 10.15
N SER A 155 18.07 9.86 9.97
CA SER A 155 18.24 11.27 9.66
C SER A 155 18.94 12.02 10.81
N PHE A 156 18.42 11.87 12.03
CA PHE A 156 18.94 12.56 13.19
C PHE A 156 18.56 11.78 14.46
N PRO A 157 19.36 11.90 15.53
CA PRO A 157 19.03 11.18 16.77
C PRO A 157 17.69 11.66 17.33
N CYS A 158 16.80 10.73 17.69
CA CYS A 158 15.48 11.10 18.25
C CYS A 158 14.76 9.97 18.99
N PHE A 159 13.67 10.33 19.65
CA PHE A 159 12.81 9.33 20.29
C PHE A 159 11.82 8.78 19.26
N ASP A 160 12.29 7.78 18.51
CA ASP A 160 11.65 7.38 17.25
C ASP A 160 10.46 6.42 17.41
N GLU A 161 9.50 6.83 18.25
CA GLU A 161 8.25 6.09 18.44
C GLU A 161 7.06 7.01 18.21
N PRO A 162 6.02 6.52 17.54
CA PRO A 162 4.90 7.37 17.12
C PRO A 162 4.26 8.15 18.27
N ASN A 163 4.23 7.57 19.47
CA ASN A 163 3.63 8.25 20.63
C ASN A 163 4.54 9.25 21.34
N LYS A 164 5.82 9.32 20.97
CA LYS A 164 6.71 10.30 21.58
C LYS A 164 6.62 11.64 20.83
N LYS A 165 5.38 12.13 20.68
CA LYS A 165 5.09 13.39 19.99
C LYS A 165 5.79 14.55 20.67
N ALA A 166 6.40 15.39 19.85
CA ALA A 166 7.05 16.62 20.31
C ALA A 166 6.83 17.70 19.27
N THR A 167 7.22 18.91 19.62
CA THR A 167 7.09 20.03 18.70
C THR A 167 8.44 20.30 18.02
N TYR A 168 8.39 20.85 16.80
CA TYR A 168 9.59 20.95 15.97
C TYR A 168 9.84 22.35 15.44
N THR A 169 11.08 22.79 15.57
CA THR A 169 11.56 23.96 14.83
C THR A 169 12.84 23.57 14.12
N ILE A 170 12.72 23.43 12.80
CA ILE A 170 13.81 22.96 11.97
C ILE A 170 14.48 24.13 11.22
N SER A 171 15.80 24.04 11.09
CA SER A 171 16.58 24.97 10.28
C SER A 171 17.55 24.18 9.40
N ILE A 172 17.86 24.75 8.24
CA ILE A 172 18.71 24.07 7.26
C ILE A 172 19.65 25.06 6.64
N THR A 173 20.94 24.73 6.64
CA THR A 173 21.95 25.53 5.96
C THR A 173 22.30 24.86 4.63
N HIS A 174 21.98 25.56 3.54
CA HIS A 174 22.06 25.01 2.17
C HIS A 174 22.65 26.04 1.21
N PRO A 175 23.16 25.59 0.04
CA PRO A 175 23.63 26.58 -0.92
C PRO A 175 22.47 27.46 -1.43
N LYS A 176 22.73 28.73 -1.72
CA LYS A 176 21.65 29.66 -2.08
C LYS A 176 20.88 29.35 -3.39
N GLU A 177 21.52 28.68 -4.35
CA GLU A 177 20.84 28.22 -5.56
C GLU A 177 19.57 27.41 -5.22
N TYR A 178 19.53 26.87 -3.99
CA TYR A 178 18.47 25.96 -3.58
C TYR A 178 17.45 26.60 -2.67
N GLY A 179 16.23 26.08 -2.72
CA GLY A 179 15.23 26.38 -1.71
C GLY A 179 15.23 25.26 -0.68
N ALA A 180 14.59 25.53 0.45
CA ALA A 180 14.40 24.52 1.49
C ALA A 180 12.94 24.49 1.91
N LEU A 181 12.42 23.27 2.05
CA LEU A 181 11.05 23.05 2.48
C LEU A 181 11.01 22.17 3.71
N SER A 182 9.97 22.35 4.51
CA SER A 182 9.68 21.45 5.62
C SER A 182 8.19 21.45 5.89
N ASN A 183 7.81 20.81 6.99
CA ASN A 183 6.44 20.74 7.47
C ASN A 183 5.76 22.12 7.56
N MET A 184 6.44 23.07 8.18
CA MET A 184 5.88 24.40 8.38
C MET A 184 6.39 25.41 7.35
N PRO A 185 5.71 26.57 7.20
CA PRO A 185 6.23 27.59 6.28
C PRO A 185 7.58 28.12 6.75
N VAL A 186 8.27 28.84 5.87
CA VAL A 186 9.50 29.55 6.20
C VAL A 186 9.22 30.64 7.24
N ALA A 187 10.07 30.76 8.26
CA ALA A 187 10.01 31.88 9.18
C ALA A 187 11.00 32.97 8.74
N LYS A 188 12.28 32.61 8.61
CA LYS A 188 13.33 33.56 8.24
C LYS A 188 14.49 32.92 7.49
N GLU A 189 15.07 33.71 6.58
CA GLU A 189 16.22 33.29 5.78
C GLU A 189 17.37 34.26 6.01
N GLU A 190 18.54 33.72 6.34
CA GLU A 190 19.71 34.54 6.66
C GLU A 190 20.97 34.05 5.95
N SER A 191 21.68 34.97 5.31
CA SER A 191 22.91 34.65 4.57
C SER A 191 24.05 34.24 5.49
N VAL A 192 24.64 33.09 5.23
CA VAL A 192 25.80 32.66 6.00
C VAL A 192 27.06 33.21 5.33
N ASP A 193 27.31 32.74 4.10
CA ASP A 193 28.32 33.30 3.22
C ASP A 193 27.56 34.10 2.18
N ASP A 194 28.25 34.49 1.12
CA ASP A 194 27.55 34.87 -0.10
C ASP A 194 27.22 33.62 -0.93
N LYS A 195 27.49 32.44 -0.37
CA LYS A 195 27.21 31.16 -1.03
C LYS A 195 26.13 30.35 -0.35
N TRP A 196 26.04 30.45 0.98
CA TRP A 196 25.12 29.61 1.75
C TRP A 196 23.99 30.40 2.40
N THR A 197 22.83 29.75 2.54
CA THR A 197 21.66 30.34 3.19
C THR A 197 21.21 29.43 4.32
N ARG A 198 20.71 30.03 5.40
CA ARG A 198 20.18 29.30 6.55
C ARG A 198 18.68 29.57 6.63
N THR A 199 17.89 28.56 6.30
CA THR A 199 16.44 28.65 6.29
C THR A 199 15.89 28.10 7.59
N THR A 200 15.19 28.94 8.33
CA THR A 200 14.57 28.52 9.58
C THR A 200 13.05 28.46 9.42
N PHE A 201 12.46 27.34 9.78
CA PHE A 201 11.00 27.17 9.69
C PHE A 201 10.30 27.47 11.02
N GLU A 202 9.05 27.93 10.95
CA GLU A 202 8.29 28.27 12.16
C GLU A 202 7.85 27.04 12.96
N LYS A 203 7.62 27.23 14.27
CA LYS A 203 7.38 26.13 15.21
C LYS A 203 6.20 25.26 14.78
N SER A 204 6.42 23.95 14.80
CA SER A 204 5.39 23.00 14.43
C SER A 204 4.42 22.77 15.57
N VAL A 205 3.28 22.19 15.26
CA VAL A 205 2.42 21.61 16.28
C VAL A 205 3.09 20.31 16.72
N PRO A 206 2.72 19.78 17.91
CA PRO A 206 3.22 18.46 18.29
C PRO A 206 2.91 17.39 17.23
N MET A 207 3.92 16.60 16.86
CA MET A 207 3.78 15.54 15.85
C MET A 207 4.79 14.44 16.09
N SER A 208 4.50 13.25 15.57
CA SER A 208 5.39 12.09 15.70
C SER A 208 6.64 12.26 14.83
N THR A 209 7.70 11.53 15.16
CA THR A 209 8.97 11.65 14.43
C THR A 209 8.88 11.24 12.96
N TYR A 210 8.19 10.15 12.68
CA TYR A 210 8.07 9.66 11.31
C TYR A 210 7.47 10.68 10.34
N LEU A 211 6.79 11.70 10.87
CA LEU A 211 6.16 12.70 10.03
C LEU A 211 7.05 13.90 9.71
N VAL A 212 8.18 13.98 10.41
CA VAL A 212 9.10 15.11 10.26
C VAL A 212 9.82 15.03 8.93
N CYS A 213 9.75 16.09 8.13
CA CYS A 213 10.29 16.06 6.78
C CYS A 213 10.93 17.38 6.35
N PHE A 214 12.01 17.28 5.60
CA PHE A 214 12.60 18.46 4.95
C PHE A 214 13.21 18.10 3.61
N ALA A 215 13.33 19.12 2.76
CA ALA A 215 13.85 18.93 1.41
C ALA A 215 14.63 20.14 0.95
N VAL A 216 15.64 19.90 0.11
CA VAL A 216 16.39 20.95 -0.53
C VAL A 216 16.30 20.71 -2.03
N HIS A 217 15.84 21.70 -2.77
CA HIS A 217 15.39 21.50 -4.14
C HIS A 217 15.48 22.76 -4.98
N GLN A 218 15.41 22.58 -6.30
CA GLN A 218 15.37 23.71 -7.24
C GLN A 218 14.14 23.57 -8.15
N PHE A 219 13.02 23.16 -7.55
CA PHE A 219 11.79 22.84 -8.27
C PHE A 219 10.94 24.08 -8.49
N ASP A 220 10.19 24.07 -9.58
CA ASP A 220 9.17 25.09 -9.83
C ASP A 220 7.95 24.70 -9.00
N SER A 221 6.87 25.48 -9.11
CA SER A 221 5.66 25.22 -8.33
C SER A 221 4.40 25.53 -9.13
N VAL A 222 3.35 24.76 -8.87
CA VAL A 222 2.00 25.06 -9.37
C VAL A 222 1.16 25.31 -8.14
N LYS A 223 0.41 26.41 -8.16
CA LYS A 223 -0.21 26.97 -6.94
C LYS A 223 -1.74 26.85 -6.89
N ARG A 224 -2.26 26.62 -5.70
CA ARG A 224 -3.69 26.70 -5.44
C ARG A 224 -4.01 27.21 -4.05
N ILE A 225 -5.23 27.70 -3.88
CA ILE A 225 -5.66 28.25 -2.60
C ILE A 225 -6.92 27.54 -2.10
N SER A 226 -6.85 27.03 -0.88
CA SER A 226 -7.99 26.37 -0.25
C SER A 226 -9.10 27.37 0.06
N ASN A 227 -10.27 26.86 0.41
CA ASN A 227 -11.37 27.69 0.88
C ASN A 227 -11.04 28.35 2.22
N SER A 228 -10.10 27.74 2.95
CA SER A 228 -9.58 28.29 4.18
C SER A 228 -8.69 29.52 3.91
N GLY A 229 -8.22 29.65 2.67
CA GLY A 229 -7.30 30.72 2.29
C GLY A 229 -5.84 30.35 2.49
N LYS A 230 -5.58 29.06 2.64
CA LYS A 230 -4.22 28.55 2.83
C LYS A 230 -3.62 28.12 1.49
N PRO A 231 -2.31 28.36 1.28
CA PRO A 231 -1.72 27.94 0.01
C PRO A 231 -1.45 26.44 -0.11
N LEU A 232 -2.09 25.81 -1.10
CA LEU A 232 -1.81 24.42 -1.44
C LEU A 232 -0.98 24.41 -2.71
N THR A 233 0.28 24.00 -2.61
CA THR A 233 1.16 24.02 -3.77
C THR A 233 1.90 22.69 -4.04
N ILE A 234 2.02 22.37 -5.31
CA ILE A 234 2.74 21.18 -5.75
C ILE A 234 4.04 21.64 -6.39
N TYR A 235 5.16 21.16 -5.86
CA TYR A 235 6.47 21.43 -6.42
C TYR A 235 6.79 20.39 -7.46
N VAL A 236 7.41 20.82 -8.56
CA VAL A 236 7.58 19.98 -9.72
C VAL A 236 8.73 20.52 -10.60
N GLN A 237 9.49 19.61 -11.22
CA GLN A 237 10.55 19.99 -12.16
C GLN A 237 9.97 20.87 -13.25
N PRO A 238 10.65 21.98 -13.58
CA PRO A 238 10.17 22.85 -14.66
C PRO A 238 9.73 22.11 -15.95
N GLU A 239 10.53 21.17 -16.44
CA GLU A 239 10.16 20.42 -17.66
C GLU A 239 8.82 19.67 -17.49
N GLN A 240 8.49 19.32 -16.23
CA GLN A 240 7.29 18.54 -15.93
C GLN A 240 6.14 19.40 -15.34
N LYS A 241 6.26 20.72 -15.41
CA LYS A 241 5.31 21.62 -14.74
C LYS A 241 3.86 21.37 -15.15
N HIS A 242 3.64 21.16 -16.44
CA HIS A 242 2.31 20.93 -16.99
C HIS A 242 1.60 19.71 -16.39
N THR A 243 2.39 18.75 -15.93
CA THR A 243 1.83 17.50 -15.45
C THR A 243 1.43 17.55 -13.97
N ALA A 244 1.66 18.70 -13.33
CA ALA A 244 1.27 18.91 -11.94
C ALA A 244 -0.16 19.46 -11.83
N GLU A 245 -0.72 19.89 -12.96
CA GLU A 245 -2.05 20.51 -12.99
C GLU A 245 -3.16 19.67 -12.34
N TYR A 246 -3.27 18.40 -12.73
CA TYR A 246 -4.34 17.56 -12.22
C TYR A 246 -4.24 17.36 -10.72
N ALA A 247 -3.03 17.08 -10.24
CA ALA A 247 -2.84 16.86 -8.81
C ALA A 247 -3.25 18.12 -8.04
N ALA A 248 -3.10 19.27 -8.69
CA ALA A 248 -3.45 20.55 -8.07
C ALA A 248 -4.95 20.66 -7.93
N ASN A 249 -5.69 20.25 -8.96
CA ASN A 249 -7.14 20.26 -8.94
C ASN A 249 -7.68 19.35 -7.85
N ILE A 250 -7.18 18.12 -7.81
CA ILE A 250 -7.68 17.14 -6.84
C ILE A 250 -7.30 17.51 -5.41
N THR A 251 -6.12 18.07 -5.20
CA THR A 251 -5.73 18.50 -3.85
C THR A 251 -6.72 19.53 -3.33
N LYS A 252 -6.99 20.55 -4.15
CA LYS A 252 -7.96 21.60 -3.81
C LYS A 252 -9.32 21.02 -3.44
N SER A 253 -9.88 20.24 -4.35
CA SER A 253 -11.23 19.72 -4.24
C SER A 253 -11.41 18.79 -3.04
N VAL A 254 -10.39 17.96 -2.80
CA VAL A 254 -10.44 16.93 -1.76
C VAL A 254 -10.05 17.49 -0.40
N PHE A 255 -9.10 18.41 -0.38
CA PHE A 255 -8.82 19.21 0.83
C PHE A 255 -10.10 19.91 1.32
N ASP A 256 -10.78 20.59 0.40
CA ASP A 256 -12.04 21.28 0.70
C ASP A 256 -13.18 20.32 1.10
N TYR A 257 -13.23 19.15 0.47
CA TYR A 257 -14.23 18.14 0.83
C TYR A 257 -13.99 17.61 2.23
N PHE A 258 -12.73 17.29 2.55
CA PHE A 258 -12.40 16.66 3.81
C PHE A 258 -12.54 17.56 5.04
N GLU A 259 -11.99 18.77 4.95
CA GLU A 259 -12.03 19.70 6.08
C GLU A 259 -13.47 19.88 6.58
N GLU A 260 -14.40 19.87 5.63
CA GLU A 260 -15.82 19.92 5.91
C GLU A 260 -16.33 18.60 6.51
N TYR A 261 -16.05 17.48 5.86
CA TYR A 261 -16.54 16.16 6.31
C TYR A 261 -16.08 15.81 7.74
N PHE A 262 -14.83 16.14 8.07
CA PHE A 262 -14.26 15.80 9.36
C PHE A 262 -14.58 16.84 10.43
N ALA A 263 -15.20 17.94 10.00
CA ALA A 263 -15.55 19.05 10.87
C ALA A 263 -14.35 19.60 11.64
N MET A 264 -13.18 19.58 11.02
CA MET A 264 -11.96 20.01 11.68
C MET A 264 -10.96 20.69 10.74
N ASN A 265 -10.42 21.81 11.21
CA ASN A 265 -9.40 22.57 10.48
C ASN A 265 -8.10 21.80 10.32
N TYR A 266 -7.60 21.78 9.09
CA TYR A 266 -6.23 21.37 8.80
C TYR A 266 -5.30 22.21 9.68
N SER A 267 -4.40 21.54 10.39
CA SER A 267 -3.69 22.15 11.51
C SER A 267 -2.52 23.06 11.17
N LEU A 268 -2.13 23.08 9.90
CA LEU A 268 -0.97 23.85 9.47
C LEU A 268 -1.39 25.01 8.57
N PRO A 269 -0.53 26.05 8.45
CA PRO A 269 -0.90 27.22 7.64
C PRO A 269 -0.74 26.97 6.14
N LYS A 270 0.00 25.92 5.78
CA LYS A 270 0.20 25.59 4.38
C LYS A 270 0.32 24.09 4.20
N LEU A 271 0.17 23.66 2.95
CA LEU A 271 0.38 22.26 2.57
C LEU A 271 1.11 22.17 1.23
N ASP A 272 2.18 21.40 1.22
CA ASP A 272 3.01 21.20 0.03
C ASP A 272 3.04 19.75 -0.42
N LYS A 273 3.18 19.56 -1.74
CA LYS A 273 3.35 18.24 -2.34
C LYS A 273 4.53 18.27 -3.31
N ILE A 274 5.33 17.21 -3.28
CA ILE A 274 6.52 17.16 -4.12
C ILE A 274 6.88 15.70 -4.40
N ALA A 275 7.21 15.41 -5.65
CA ALA A 275 7.65 14.08 -6.03
C ALA A 275 9.17 14.04 -6.16
N ILE A 276 9.80 13.19 -5.37
CA ILE A 276 11.25 13.01 -5.44
C ILE A 276 11.56 12.09 -6.62
N PRO A 277 12.54 12.46 -7.46
CA PRO A 277 12.77 11.69 -8.69
C PRO A 277 13.09 10.21 -8.43
N ASP A 278 13.55 9.91 -7.22
CA ASP A 278 13.79 8.53 -6.79
C ASP A 278 13.20 8.45 -5.38
N PHE A 279 12.16 7.62 -5.21
CA PHE A 279 11.41 7.59 -3.98
C PHE A 279 10.91 6.18 -3.64
N GLY A 280 11.23 5.72 -2.44
CA GLY A 280 11.09 4.32 -2.06
C GLY A 280 9.70 3.75 -1.83
N THR A 281 8.74 4.58 -1.42
CA THR A 281 7.35 4.13 -1.35
C THR A 281 6.51 4.86 -2.39
N GLY A 282 5.20 4.68 -2.32
CA GLY A 282 4.29 5.32 -3.28
C GLY A 282 4.14 6.79 -2.99
N ALA A 283 4.01 7.10 -1.70
CA ALA A 283 3.82 8.46 -1.20
C ALA A 283 3.88 8.42 0.31
N MET A 284 4.12 9.58 0.92
CA MET A 284 4.32 9.72 2.36
C MET A 284 3.68 10.99 2.90
N GLU A 285 2.80 10.83 3.90
CA GLU A 285 1.93 11.91 4.38
C GLU A 285 2.58 12.92 5.34
N ASN A 286 3.89 13.12 5.22
CA ASN A 286 4.56 14.12 6.05
C ASN A 286 3.71 15.38 6.14
N TRP A 287 3.35 15.76 7.37
CA TRP A 287 2.42 16.87 7.65
C TRP A 287 2.87 18.14 6.94
N GLY A 288 2.07 18.61 5.99
CA GLY A 288 2.37 19.83 5.23
C GLY A 288 3.39 19.68 4.10
N LEU A 289 3.98 18.49 3.99
CA LEU A 289 4.98 18.21 2.96
C LEU A 289 4.85 16.76 2.51
N ILE A 290 3.83 16.48 1.71
CA ILE A 290 3.61 15.12 1.23
C ILE A 290 4.56 14.87 0.07
N THR A 291 5.33 13.79 0.20
CA THR A 291 6.26 13.38 -0.83
C THR A 291 5.67 12.25 -1.67
N TYR A 292 6.01 12.24 -2.97
CA TYR A 292 5.45 11.31 -3.92
C TYR A 292 6.51 10.65 -4.78
N ARG A 293 6.14 9.48 -5.30
CA ARG A 293 6.81 8.90 -6.43
C ARG A 293 6.09 9.54 -7.62
N GLU A 294 6.82 9.91 -8.66
CA GLU A 294 6.22 10.64 -9.76
C GLU A 294 4.94 10.00 -10.33
N THR A 295 4.94 8.67 -10.51
CA THR A 295 3.79 7.98 -11.11
C THR A 295 2.48 8.21 -10.34
N ASN A 296 2.58 8.61 -9.07
CA ASN A 296 1.43 8.77 -8.19
C ASN A 296 1.01 10.23 -7.99
N LEU A 297 1.65 11.14 -8.73
CA LEU A 297 1.37 12.57 -8.62
C LEU A 297 1.27 13.25 -9.98
N LEU A 298 2.12 12.84 -10.91
CA LEU A 298 2.28 13.60 -12.15
C LEU A 298 1.55 12.93 -13.31
N TYR A 299 0.61 13.67 -13.90
CA TYR A 299 -0.36 13.13 -14.85
C TYR A 299 -0.42 14.00 -16.10
N ASP A 300 -0.37 13.38 -17.27
CA ASP A 300 -0.55 14.12 -18.53
C ASP A 300 -1.81 13.66 -19.29
N PRO A 301 -2.80 14.57 -19.47
CA PRO A 301 -4.03 14.15 -20.14
C PRO A 301 -3.78 13.69 -21.58
N LYS A 302 -2.70 14.17 -22.19
CA LYS A 302 -2.39 13.83 -23.58
C LYS A 302 -1.58 12.54 -23.72
N GLU A 303 -1.08 12.00 -22.61
CA GLU A 303 -0.19 10.84 -22.62
C GLU A 303 -0.52 9.77 -21.57
N SER A 304 -1.08 10.19 -20.43
CA SER A 304 -1.43 9.27 -19.34
C SER A 304 -2.82 8.63 -19.49
N ALA A 305 -3.00 7.44 -18.91
CA ALA A 305 -4.24 6.68 -19.00
C ALA A 305 -5.24 7.05 -17.90
N SER A 306 -6.47 6.59 -18.05
CA SER A 306 -7.52 6.81 -17.06
C SER A 306 -7.16 6.09 -15.78
N SER A 307 -6.51 4.93 -15.95
CA SER A 307 -5.91 4.21 -14.85
C SER A 307 -4.99 5.10 -14.04
N ASN A 308 -4.11 5.85 -14.72
CA ASN A 308 -3.17 6.74 -14.08
C ASN A 308 -3.89 7.89 -13.38
N GLN A 309 -4.90 8.42 -14.06
CA GLN A 309 -5.66 9.54 -13.52
C GLN A 309 -6.27 9.17 -12.18
N GLN A 310 -6.80 7.95 -12.11
CA GLN A 310 -7.52 7.50 -10.92
C GLN A 310 -6.53 7.20 -9.83
N ARG A 311 -5.35 6.72 -10.20
CA ARG A 311 -4.28 6.46 -9.26
C ARG A 311 -3.82 7.75 -8.60
N VAL A 312 -3.52 8.76 -9.41
CA VAL A 312 -3.09 10.07 -8.90
C VAL A 312 -4.14 10.63 -7.96
N ALA A 313 -5.40 10.58 -8.40
CA ALA A 313 -6.49 11.09 -7.59
C ALA A 313 -6.63 10.36 -6.26
N THR A 314 -6.47 9.05 -6.28
N THR A 314 -6.47 9.04 -6.27
CA THR A 314 -6.64 8.21 -5.09
CA THR A 314 -6.64 8.21 -5.08
C THR A 314 -5.50 8.41 -4.09
C THR A 314 -5.49 8.36 -4.07
N VAL A 315 -4.26 8.43 -4.57
CA VAL A 315 -3.10 8.59 -3.69
C VAL A 315 -3.15 9.97 -3.07
N VAL A 316 -3.40 11.00 -3.88
CA VAL A 316 -3.62 12.34 -3.33
C VAL A 316 -4.73 12.32 -2.27
N ALA A 317 -5.88 11.74 -2.60
CA ALA A 317 -6.96 11.64 -1.62
C ALA A 317 -6.44 10.95 -0.36
N HIS A 318 -5.84 9.78 -0.55
CA HIS A 318 -5.28 8.97 0.53
C HIS A 318 -4.42 9.81 1.46
N GLU A 319 -3.36 10.40 0.90
CA GLU A 319 -2.40 11.16 1.70
C GLU A 319 -3.06 12.34 2.40
N LEU A 320 -4.06 12.92 1.77
CA LEU A 320 -4.81 14.00 2.40
C LEU A 320 -5.60 13.51 3.62
N VAL A 321 -6.13 12.29 3.56
CA VAL A 321 -6.89 11.73 4.69
C VAL A 321 -6.00 11.65 5.92
N HIS A 322 -4.71 11.38 5.71
CA HIS A 322 -3.78 11.22 6.82
C HIS A 322 -3.57 12.49 7.62
N GLN A 323 -3.79 13.65 6.99
CA GLN A 323 -3.59 14.93 7.65
C GLN A 323 -4.50 15.05 8.88
N TRP A 324 -5.52 14.20 8.90
CA TRP A 324 -6.39 14.06 10.06
C TRP A 324 -6.11 12.74 10.78
N PHE A 325 -6.35 11.62 10.10
CA PHE A 325 -6.10 10.29 10.66
C PHE A 325 -4.68 9.84 10.39
N GLY A 326 -3.83 9.99 11.40
CA GLY A 326 -2.40 9.73 11.29
C GLY A 326 -1.59 10.90 11.80
N ASN A 327 -1.93 12.10 11.35
CA ASN A 327 -1.18 13.30 11.71
C ASN A 327 -1.69 13.94 13.00
N ILE A 328 -2.94 14.41 12.96
CA ILE A 328 -3.61 14.96 14.14
C ILE A 328 -3.79 13.85 15.18
N VAL A 329 -4.54 12.82 14.82
CA VAL A 329 -4.68 11.63 15.66
C VAL A 329 -3.79 10.53 15.10
N THR A 330 -2.86 10.06 15.91
CA THR A 330 -1.93 9.03 15.50
C THR A 330 -2.20 7.80 16.35
N MET A 331 -1.87 6.62 15.85
CA MET A 331 -1.94 5.41 16.66
C MET A 331 -0.93 5.48 17.80
N ASP A 332 -1.24 4.84 18.94
CA ASP A 332 -0.33 4.81 20.08
C ASP A 332 0.90 3.99 19.75
N TRP A 333 0.66 2.81 19.17
CA TRP A 333 1.73 1.91 18.80
C TRP A 333 1.39 1.27 17.44
N TRP A 334 2.39 0.72 16.76
CA TRP A 334 2.25 0.23 15.39
C TRP A 334 1.25 -0.91 15.25
N GLU A 335 1.05 -1.66 16.32
CA GLU A 335 0.01 -2.69 16.37
C GLU A 335 -1.35 -2.11 15.95
N ASP A 336 -1.54 -0.81 16.18
CA ASP A 336 -2.77 -0.11 15.80
C ASP A 336 -2.64 0.66 14.47
N LEU A 337 -1.66 0.29 13.65
CA LEU A 337 -1.38 0.98 12.36
C LEU A 337 -2.61 1.18 11.48
N TRP A 338 -3.54 0.22 11.52
CA TRP A 338 -4.75 0.29 10.73
C TRP A 338 -5.57 1.56 11.01
N LEU A 339 -5.48 2.09 12.23
CA LEU A 339 -6.11 3.37 12.58
C LEU A 339 -5.66 4.48 11.63
N ASN A 340 -4.43 4.37 11.15
CA ASN A 340 -3.92 5.27 10.12
C ASN A 340 -4.35 4.80 8.74
N GLU A 341 -3.87 3.61 8.37
CA GLU A 341 -3.90 3.17 6.98
C GLU A 341 -5.26 2.72 6.46
N GLY A 342 -6.03 2.07 7.33
CA GLY A 342 -7.39 1.65 7.01
C GLY A 342 -8.30 2.84 6.82
N PHE A 343 -8.13 3.85 7.66
CA PHE A 343 -8.93 5.06 7.58
C PHE A 343 -8.64 5.83 6.30
N ALA A 344 -7.34 5.96 5.99
CA ALA A 344 -6.93 6.56 4.73
C ALA A 344 -7.42 5.75 3.53
N SER A 345 -7.23 4.43 3.57
CA SER A 345 -7.74 3.54 2.51
C SER A 345 -9.27 3.64 2.35
N PHE A 346 -10.00 3.85 3.44
CA PHE A 346 -11.46 4.01 3.35
C PHE A 346 -11.88 5.36 2.80
N PHE A 347 -11.44 6.42 3.45
CA PHE A 347 -11.86 7.78 3.09
C PHE A 347 -11.33 8.25 1.75
N GLU A 348 -10.28 7.61 1.23
CA GLU A 348 -9.73 7.98 -0.07
C GLU A 348 -10.82 7.93 -1.14
N PHE A 349 -11.65 6.88 -1.08
CA PHE A 349 -12.75 6.64 -2.01
C PHE A 349 -13.86 7.68 -1.93
N LEU A 350 -14.08 8.24 -0.74
CA LEU A 350 -15.02 9.34 -0.57
C LEU A 350 -14.44 10.66 -1.11
N GLY A 351 -13.16 10.88 -0.84
CA GLY A 351 -12.45 12.04 -1.35
C GLY A 351 -12.61 12.13 -2.84
N VAL A 352 -12.14 11.09 -3.55
CA VAL A 352 -12.15 11.10 -5.01
C VAL A 352 -13.56 11.06 -5.59
N ASN A 353 -14.47 10.39 -4.87
CA ASN A 353 -15.89 10.37 -5.22
C ASN A 353 -16.51 11.76 -5.30
N HIS A 354 -16.11 12.65 -4.39
CA HIS A 354 -16.50 14.04 -4.46
C HIS A 354 -15.89 14.70 -5.70
N ALA A 355 -14.60 14.49 -5.91
CA ALA A 355 -13.87 15.16 -6.96
C ALA A 355 -14.32 14.73 -8.35
N GLU A 356 -14.57 13.43 -8.50
CA GLU A 356 -14.91 12.84 -9.79
C GLU A 356 -16.18 12.00 -9.61
N THR A 357 -17.30 12.57 -10.03
CA THR A 357 -18.64 12.06 -9.71
C THR A 357 -19.05 10.80 -10.46
N ASP A 358 -18.64 10.66 -11.72
CA ASP A 358 -19.01 9.45 -12.49
C ASP A 358 -17.95 8.34 -12.49
N TRP A 359 -17.13 8.28 -11.43
CA TRP A 359 -16.11 7.24 -11.38
C TRP A 359 -16.58 5.98 -10.65
N GLN A 360 -17.82 5.99 -10.16
CA GLN A 360 -18.37 4.84 -9.42
C GLN A 360 -17.40 4.34 -8.34
N MET A 361 -16.69 5.27 -7.71
CA MET A 361 -15.61 4.93 -6.77
C MET A 361 -16.06 4.01 -5.65
N ARG A 362 -17.18 4.34 -5.02
CA ARG A 362 -17.71 3.55 -3.92
C ARG A 362 -17.84 2.07 -4.28
N ASP A 363 -18.27 1.81 -5.51
CA ASP A 363 -18.27 0.45 -6.05
C ASP A 363 -16.84 -0.08 -6.17
N GLN A 364 -15.96 0.73 -6.76
CA GLN A 364 -14.60 0.29 -7.04
C GLN A 364 -13.80 -0.18 -5.80
N MET A 365 -14.27 0.20 -4.61
CA MET A 365 -13.70 -0.32 -3.36
C MET A 365 -13.65 -1.83 -3.38
N LEU A 366 -14.72 -2.44 -3.92
CA LEU A 366 -14.84 -3.90 -4.03
C LEU A 366 -13.71 -4.52 -4.82
N LEU A 367 -13.32 -3.83 -5.89
CA LEU A 367 -12.24 -4.27 -6.75
C LEU A 367 -10.86 -3.96 -6.18
N GLU A 368 -10.73 -2.81 -5.52
CA GLU A 368 -9.41 -2.34 -5.08
C GLU A 368 -8.99 -2.92 -3.73
N ASP A 369 -9.93 -3.05 -2.80
CA ASP A 369 -9.60 -3.50 -1.46
C ASP A 369 -10.36 -4.75 -0.99
N VAL A 370 -11.69 -4.69 -1.00
CA VAL A 370 -12.52 -5.71 -0.35
C VAL A 370 -12.22 -7.13 -0.84
N LEU A 371 -12.46 -7.37 -2.12
CA LEU A 371 -12.33 -8.73 -2.68
C LEU A 371 -10.87 -9.22 -2.74
N PRO A 372 -9.91 -8.34 -3.13
CA PRO A 372 -8.52 -8.80 -3.06
C PRO A 372 -8.10 -9.27 -1.67
N VAL A 373 -8.40 -8.51 -0.62
CA VAL A 373 -7.96 -8.90 0.74
C VAL A 373 -8.72 -10.11 1.30
N GLN A 374 -9.91 -10.39 0.78
CA GLN A 374 -10.60 -11.63 1.17
C GLN A 374 -9.86 -12.87 0.68
N GLU A 375 -9.12 -12.74 -0.41
CA GLU A 375 -8.17 -13.76 -0.83
C GLU A 375 -7.04 -13.87 0.21
N ASP A 376 -6.38 -12.74 0.48
CA ASP A 376 -5.29 -12.66 1.46
C ASP A 376 -5.66 -13.26 2.81
N ASP A 377 -6.82 -12.85 3.33
CA ASP A 377 -7.23 -13.15 4.71
C ASP A 377 -7.86 -14.52 4.85
N SER A 378 -7.84 -15.30 3.79
CA SER A 378 -8.30 -16.68 3.88
C SER A 378 -7.14 -17.64 4.10
N LEU A 379 -5.92 -17.09 4.23
CA LEU A 379 -4.74 -17.92 4.52
C LEU A 379 -4.48 -18.10 6.01
N MET A 380 -3.84 -19.20 6.36
CA MET A 380 -3.43 -19.44 7.75
C MET A 380 -2.37 -18.43 8.20
N SER A 381 -1.61 -17.93 7.23
CA SER A 381 -0.49 -17.05 7.49
C SER A 381 -0.88 -15.58 7.33
N SER A 382 -2.17 -15.30 7.49
CA SER A 382 -2.65 -13.93 7.64
C SER A 382 -2.37 -13.56 9.09
N HIS A 383 -2.83 -12.39 9.50
CA HIS A 383 -2.68 -11.96 10.88
C HIS A 383 -3.83 -11.02 11.22
N PRO A 384 -4.18 -10.92 12.52
CA PRO A 384 -5.28 -10.04 12.88
C PRO A 384 -4.92 -8.58 12.63
N ILE A 385 -5.94 -7.75 12.47
CA ILE A 385 -5.78 -6.32 12.24
C ILE A 385 -4.92 -5.67 13.32
N ILE A 386 -5.14 -6.03 14.57
CA ILE A 386 -4.30 -5.59 15.68
C ILE A 386 -3.15 -6.57 15.85
N VAL A 387 -1.95 -6.13 15.44
CA VAL A 387 -0.76 -6.99 15.23
C VAL A 387 0.37 -6.77 16.22
N THR A 388 0.77 -7.83 16.91
CA THR A 388 1.93 -7.79 17.81
C THR A 388 3.27 -7.67 17.04
N VAL A 389 3.94 -6.53 17.22
CA VAL A 389 5.23 -6.28 16.58
C VAL A 389 6.32 -5.96 17.61
N THR A 390 7.47 -6.59 17.47
CA THR A 390 8.54 -6.49 18.48
C THR A 390 9.92 -6.15 17.92
N THR A 391 10.01 -5.95 16.61
CA THR A 391 11.26 -5.53 15.95
C THR A 391 10.93 -4.51 14.86
N PRO A 392 11.92 -3.70 14.43
CA PRO A 392 11.66 -2.81 13.29
C PRO A 392 11.20 -3.54 12.04
N ASP A 393 11.71 -4.76 11.80
CA ASP A 393 11.34 -5.57 10.62
C ASP A 393 9.88 -6.01 10.69
N GLU A 394 9.43 -6.37 11.89
CA GLU A 394 8.05 -6.73 12.13
C GLU A 394 7.10 -5.55 11.90
N ILE A 395 7.54 -4.37 12.34
CA ILE A 395 6.77 -3.13 12.22
C ILE A 395 6.60 -2.77 10.75
N THR A 396 7.67 -2.88 9.97
CA THR A 396 7.58 -2.45 8.58
C THR A 396 6.76 -3.44 7.76
N SER A 397 6.76 -4.70 8.19
CA SER A 397 6.01 -5.77 7.51
C SER A 397 4.50 -5.55 7.50
N VAL A 398 3.97 -4.89 8.53
CA VAL A 398 2.52 -4.76 8.67
C VAL A 398 1.90 -3.63 7.88
N PHE A 399 2.71 -2.94 7.09
CA PHE A 399 2.18 -2.06 6.05
C PHE A 399 1.75 -2.95 4.90
N ASP A 400 0.58 -3.58 5.04
CA ASP A 400 0.17 -4.66 4.15
C ASP A 400 -1.34 -4.69 3.85
N GLY A 401 -1.76 -5.72 3.13
CA GLY A 401 -3.15 -5.87 2.75
C GLY A 401 -4.13 -5.80 3.90
N ILE A 402 -3.74 -6.37 5.04
CA ILE A 402 -4.60 -6.37 6.23
C ILE A 402 -4.84 -4.97 6.79
N SER A 403 -3.76 -4.25 7.09
CA SER A 403 -3.87 -2.90 7.63
C SER A 403 -4.62 -1.97 6.70
N TYR A 404 -4.31 -2.04 5.40
CA TYR A 404 -4.95 -1.18 4.42
C TYR A 404 -6.34 -1.68 3.99
N SER A 405 -6.39 -2.86 3.39
CA SER A 405 -7.61 -3.32 2.74
C SER A 405 -8.66 -3.85 3.70
N LYS A 406 -8.26 -4.77 4.59
CA LYS A 406 -9.20 -5.24 5.60
C LYS A 406 -9.61 -4.13 6.55
N GLY A 407 -8.67 -3.26 6.91
CA GLY A 407 -9.00 -2.02 7.61
C GLY A 407 -10.10 -1.27 6.89
N SER A 408 -9.87 -0.99 5.61
CA SER A 408 -10.85 -0.32 4.76
C SER A 408 -12.17 -1.09 4.67
N SER A 409 -12.09 -2.41 4.55
CA SER A 409 -13.28 -3.22 4.39
C SER A 409 -14.16 -3.24 5.62
N ILE A 410 -13.57 -3.42 6.81
CA ILE A 410 -14.36 -3.46 8.04
C ILE A 410 -14.92 -2.09 8.45
N LEU A 411 -14.34 -1.01 7.93
CA LEU A 411 -14.93 0.32 8.12
C LEU A 411 -16.14 0.48 7.20
N ARG A 412 -16.01 -0.05 5.99
CA ARG A 412 -17.07 -0.02 5.00
C ARG A 412 -18.30 -0.75 5.54
N MET A 413 -18.09 -1.93 6.11
CA MET A 413 -19.14 -2.71 6.77
C MET A 413 -19.71 -1.97 7.99
N LEU A 414 -18.82 -1.38 8.78
CA LEU A 414 -19.20 -0.65 9.98
C LEU A 414 -20.09 0.54 9.66
N GLU A 415 -19.70 1.33 8.66
CA GLU A 415 -20.48 2.51 8.23
C GLU A 415 -21.90 2.13 7.83
N ASP A 416 -22.01 1.12 6.96
CA ASP A 416 -23.31 0.68 6.45
C ASP A 416 -24.19 0.17 7.58
N TRP A 417 -23.59 -0.53 8.53
CA TRP A 417 -24.29 -1.09 9.69
C TRP A 417 -24.81 -0.01 10.62
N ILE A 418 -23.89 0.83 11.07
CA ILE A 418 -24.16 1.92 12.00
C ILE A 418 -24.85 3.10 11.31
N LYS A 419 -24.71 3.15 9.99
CA LYS A 419 -25.30 4.17 9.12
C LYS A 419 -24.33 5.35 8.97
N PRO A 420 -24.22 5.88 7.72
CA PRO A 420 -23.21 6.90 7.43
C PRO A 420 -23.23 8.12 8.33
N GLU A 421 -24.41 8.72 8.51
CA GLU A 421 -24.56 9.95 9.29
C GLU A 421 -23.95 9.85 10.69
N ASN A 422 -24.11 8.70 11.32
CA ASN A 422 -23.60 8.47 12.67
C ASN A 422 -22.14 8.07 12.68
N PHE A 423 -21.72 7.42 11.61
CA PHE A 423 -20.32 7.09 11.42
C PHE A 423 -19.51 8.36 11.24
N GLN A 424 -20.06 9.29 10.46
CA GLN A 424 -19.47 10.61 10.25
C GLN A 424 -19.23 11.33 11.59
N LYS A 425 -20.31 11.52 12.36
CA LYS A 425 -20.24 12.20 13.65
C LYS A 425 -19.32 11.53 14.65
N GLY A 426 -19.31 10.20 14.67
CA GLY A 426 -18.44 9.45 15.56
C GLY A 426 -16.96 9.64 15.25
N CYS A 427 -16.64 9.74 13.97
CA CYS A 427 -15.26 10.01 13.55
C CYS A 427 -14.87 11.43 13.93
N GLN A 428 -15.84 12.33 13.89
CA GLN A 428 -15.63 13.73 14.26
C GLN A 428 -15.26 13.86 15.74
N MET A 429 -16.01 13.17 16.59
CA MET A 429 -15.78 13.23 18.04
C MET A 429 -14.45 12.59 18.44
N TYR A 430 -14.12 11.46 17.81
CA TYR A 430 -12.80 10.81 17.94
C TYR A 430 -11.68 11.78 17.59
N LEU A 431 -11.91 12.59 16.57
CA LEU A 431 -10.92 13.51 16.05
C LEU A 431 -10.68 14.70 16.99
N GLU A 432 -11.75 15.27 17.54
CA GLU A 432 -11.62 16.38 18.48
C GLU A 432 -11.11 15.93 19.85
N LYS A 433 -11.35 14.65 20.17
CA LYS A 433 -11.00 14.10 21.47
C LYS A 433 -9.50 13.81 21.59
N TYR A 434 -8.94 13.20 20.54
CA TYR A 434 -7.55 12.74 20.59
C TYR A 434 -6.57 13.62 19.81
N GLN A 435 -7.03 14.80 19.40
CA GLN A 435 -6.22 15.76 18.64
C GLN A 435 -4.84 15.98 19.27
N PHE A 436 -3.79 15.82 18.46
CA PHE A 436 -2.38 15.96 18.89
C PHE A 436 -1.96 14.98 19.98
N LYS A 437 -2.66 13.86 20.05
CA LYS A 437 -2.32 12.79 20.98
C LYS A 437 -2.48 11.45 20.27
N ASN A 438 -2.35 10.36 21.03
CA ASN A 438 -2.41 9.03 20.45
C ASN A 438 -3.59 8.20 20.96
N ALA A 439 -4.17 7.44 20.05
CA ALA A 439 -5.33 6.60 20.34
C ALA A 439 -4.98 5.14 20.16
N LYS A 440 -5.78 4.29 20.79
CA LYS A 440 -5.75 2.85 20.60
C LYS A 440 -7.06 2.48 19.91
N THR A 441 -7.13 1.27 19.35
CA THR A 441 -8.36 0.82 18.73
C THR A 441 -9.58 0.95 19.68
N SER A 442 -9.43 0.46 20.92
CA SER A 442 -10.43 0.63 21.99
C SER A 442 -11.11 2.00 22.02
N ASP A 443 -10.34 3.05 21.77
CA ASP A 443 -10.84 4.43 21.84
C ASP A 443 -11.78 4.76 20.68
N PHE A 444 -11.48 4.21 19.50
CA PHE A 444 -12.32 4.47 18.34
C PHE A 444 -13.69 3.80 18.48
N TRP A 445 -13.70 2.60 19.05
CA TRP A 445 -14.96 1.93 19.35
C TRP A 445 -15.77 2.82 20.29
N ALA A 446 -15.20 3.15 21.45
CA ALA A 446 -15.90 3.98 22.46
C ALA A 446 -16.40 5.29 21.87
N ALA A 447 -15.63 5.87 20.97
CA ALA A 447 -16.02 7.10 20.26
C ALA A 447 -17.29 6.87 19.43
N LEU A 448 -17.31 5.80 18.65
CA LEU A 448 -18.48 5.47 17.84
C LEU A 448 -19.64 4.88 18.66
N GLU A 449 -19.31 4.29 19.81
CA GLU A 449 -20.32 3.73 20.69
C GLU A 449 -21.10 4.86 21.35
N GLU A 450 -20.44 5.99 21.56
CA GLU A 450 -21.11 7.21 21.99
C GLU A 450 -21.95 7.85 20.89
N ALA A 451 -21.80 7.37 19.66
CA ALA A 451 -22.46 7.97 18.52
C ALA A 451 -23.65 7.17 18.02
N SER A 452 -23.69 5.88 18.35
CA SER A 452 -24.79 5.02 17.91
C SER A 452 -25.47 4.24 19.02
N ARG A 453 -24.86 4.26 20.20
CA ARG A 453 -25.32 3.49 21.37
C ARG A 453 -25.36 1.98 21.10
N LEU A 454 -25.05 1.61 19.87
CA LEU A 454 -24.98 0.22 19.42
C LEU A 454 -23.77 -0.47 20.01
N PRO A 455 -23.77 -1.82 19.96
CA PRO A 455 -22.63 -2.54 20.52
C PRO A 455 -21.44 -2.61 19.55
N VAL A 456 -20.66 -1.53 19.50
CA VAL A 456 -19.56 -1.43 18.55
C VAL A 456 -18.33 -2.19 19.01
N LYS A 457 -17.95 -2.02 20.28
CA LYS A 457 -16.78 -2.73 20.82
C LYS A 457 -16.99 -4.22 20.74
N GLU A 458 -18.16 -4.68 21.19
CA GLU A 458 -18.47 -6.10 21.24
C GLU A 458 -18.40 -6.76 19.86
N VAL A 459 -18.90 -6.04 18.86
CA VAL A 459 -19.06 -6.55 17.51
C VAL A 459 -17.76 -6.42 16.69
N MET A 460 -17.13 -5.28 16.80
CA MET A 460 -15.99 -4.99 15.95
C MET A 460 -14.69 -5.66 16.43
N ASP A 461 -14.62 -5.94 17.73
CA ASP A 461 -13.50 -6.70 18.31
C ASP A 461 -13.32 -8.06 17.63
N THR A 462 -14.43 -8.70 17.28
CA THR A 462 -14.39 -9.98 16.62
C THR A 462 -13.70 -9.87 15.27
N TRP A 463 -13.83 -8.70 14.63
CA TRP A 463 -13.27 -8.48 13.28
C TRP A 463 -11.83 -8.00 13.30
N THR A 464 -11.28 -7.88 14.50
CA THR A 464 -10.14 -7.02 14.70
C THR A 464 -9.05 -7.64 15.59
N ARG A 465 -9.46 -8.52 16.50
CA ARG A 465 -8.52 -9.18 17.43
C ARG A 465 -8.21 -10.62 17.02
N GLN A 466 -8.72 -11.03 15.86
CA GLN A 466 -8.38 -12.33 15.27
C GLN A 466 -8.34 -12.20 13.74
N MET A 467 -7.47 -12.99 13.11
CA MET A 467 -7.41 -13.02 11.67
C MET A 467 -8.62 -13.77 11.08
N GLY A 468 -8.75 -13.69 9.77
CA GLY A 468 -9.75 -14.46 9.04
C GLY A 468 -11.14 -13.83 9.03
N TYR A 469 -12.06 -14.56 8.40
CA TYR A 469 -13.44 -14.12 8.23
C TYR A 469 -14.33 -15.33 7.98
N PRO A 470 -15.65 -15.17 8.11
CA PRO A 470 -16.55 -16.32 7.98
C PRO A 470 -17.13 -16.54 6.59
N VAL A 471 -17.55 -17.77 6.33
CA VAL A 471 -18.49 -18.05 5.25
C VAL A 471 -19.84 -18.34 5.89
N LEU A 472 -20.89 -17.73 5.35
CA LEU A 472 -22.24 -18.02 5.80
C LEU A 472 -22.80 -19.16 4.98
N ASN A 473 -23.11 -20.27 5.64
CA ASN A 473 -23.72 -21.40 4.95
C ASN A 473 -25.23 -21.32 5.03
N VAL A 474 -25.87 -21.38 3.87
CA VAL A 474 -27.31 -21.27 3.77
C VAL A 474 -27.95 -22.66 3.82
N ASN A 475 -28.81 -22.87 4.82
CA ASN A 475 -29.64 -24.06 4.88
C ASN A 475 -31.11 -23.68 4.72
N GLY A 476 -31.84 -24.42 3.91
CA GLY A 476 -33.16 -23.97 3.47
C GLY A 476 -32.87 -22.76 2.62
N VAL A 477 -33.76 -21.79 2.58
CA VAL A 477 -33.44 -20.57 1.85
C VAL A 477 -33.04 -19.47 2.84
N LYS A 478 -33.09 -19.80 4.13
CA LYS A 478 -33.28 -18.79 5.16
C LYS A 478 -32.46 -18.99 6.44
N ASN A 479 -32.05 -20.23 6.71
CA ASN A 479 -31.20 -20.51 7.87
C ASN A 479 -29.75 -20.32 7.48
N ILE A 480 -29.03 -19.54 8.26
CA ILE A 480 -27.61 -19.37 8.03
C ILE A 480 -26.80 -19.87 9.20
N THR A 481 -25.61 -20.36 8.88
CA THR A 481 -24.68 -20.79 9.90
C THR A 481 -23.31 -20.22 9.55
N GLN A 482 -22.51 -19.88 10.56
CA GLN A 482 -21.18 -19.30 10.31
C GLN A 482 -20.05 -20.28 10.58
N LYS A 483 -18.99 -20.16 9.79
CA LYS A 483 -17.85 -21.04 9.90
C LYS A 483 -16.67 -20.31 9.27
N ARG A 484 -15.48 -20.45 9.86
CA ARG A 484 -14.28 -19.80 9.33
C ARG A 484 -14.02 -20.26 7.90
N PHE A 485 -13.68 -19.31 7.02
CA PHE A 485 -13.36 -19.64 5.64
C PHE A 485 -11.86 -19.63 5.42
N LEU A 486 -11.32 -20.81 5.14
CA LEU A 486 -9.91 -21.01 4.84
C LEU A 486 -9.74 -21.65 3.48
N LEU A 487 -8.81 -21.14 2.69
CA LEU A 487 -8.59 -21.61 1.33
C LEU A 487 -8.11 -23.06 1.34
N ASP A 488 -7.35 -23.43 2.37
CA ASP A 488 -6.79 -24.76 2.52
C ASP A 488 -7.70 -25.61 3.40
N PRO A 489 -8.40 -26.59 2.81
CA PRO A 489 -9.36 -27.42 3.54
C PRO A 489 -8.71 -28.33 4.58
N ARG A 490 -7.42 -28.62 4.42
CA ARG A 490 -6.68 -29.47 5.38
C ARG A 490 -6.27 -28.70 6.63
N ALA A 491 -6.22 -27.36 6.55
CA ALA A 491 -5.77 -26.52 7.66
C ALA A 491 -6.68 -26.59 8.88
N ASN A 492 -6.07 -26.48 10.06
CA ASN A 492 -6.79 -26.51 11.32
C ASN A 492 -7.46 -25.18 11.59
N PRO A 493 -8.81 -25.16 11.57
CA PRO A 493 -9.56 -23.90 11.66
C PRO A 493 -9.44 -23.19 13.01
N SER A 494 -9.00 -23.89 14.06
CA SER A 494 -8.85 -23.24 15.37
C SER A 494 -7.45 -22.62 15.61
N GLN A 495 -6.56 -22.71 14.62
CA GLN A 495 -5.20 -22.17 14.75
C GLN A 495 -5.01 -20.93 13.88
N PRO A 496 -4.16 -19.98 14.32
CA PRO A 496 -3.53 -19.98 15.65
C PRO A 496 -4.54 -19.60 16.73
N PRO A 497 -4.27 -20.00 17.98
CA PRO A 497 -5.20 -19.82 19.10
C PRO A 497 -5.81 -18.41 19.19
N SER A 498 -7.15 -18.35 19.25
CA SER A 498 -7.88 -17.10 19.39
C SER A 498 -8.87 -17.18 20.55
N ASP A 499 -8.80 -16.20 21.45
CA ASP A 499 -9.76 -16.08 22.56
C ASP A 499 -11.20 -16.14 22.06
N LEU A 500 -11.44 -15.54 20.89
CA LEU A 500 -12.77 -15.48 20.30
C LEU A 500 -13.16 -16.76 19.53
N GLY A 501 -12.22 -17.69 19.42
CA GLY A 501 -12.49 -19.03 18.85
C GLY A 501 -12.88 -19.07 17.37
N TYR A 502 -12.54 -18.01 16.62
CA TYR A 502 -12.94 -17.86 15.22
C TYR A 502 -14.47 -17.90 14.96
N THR A 503 -15.23 -17.20 15.80
CA THR A 503 -16.62 -16.87 15.50
C THR A 503 -16.78 -15.36 15.61
N TRP A 504 -17.65 -14.80 14.79
CA TRP A 504 -17.81 -13.35 14.69
C TRP A 504 -19.21 -12.90 15.04
N ASN A 505 -19.32 -11.63 15.42
CA ASN A 505 -20.59 -10.94 15.42
C ASN A 505 -20.73 -10.28 14.05
N ILE A 506 -21.58 -10.88 13.20
CA ILE A 506 -21.70 -10.46 11.81
C ILE A 506 -22.92 -9.59 11.58
N PRO A 507 -22.70 -8.32 11.20
CA PRO A 507 -23.82 -7.51 10.72
C PRO A 507 -24.25 -8.05 9.36
N VAL A 508 -25.50 -8.50 9.29
CA VAL A 508 -26.00 -9.19 8.12
C VAL A 508 -27.11 -8.35 7.46
N LYS A 509 -26.93 -8.07 6.18
CA LYS A 509 -27.93 -7.40 5.36
C LYS A 509 -28.36 -8.35 4.24
N TRP A 510 -29.64 -8.29 3.90
CA TRP A 510 -30.16 -9.06 2.76
C TRP A 510 -31.31 -8.36 2.04
N THR A 511 -31.43 -8.62 0.74
CA THR A 511 -32.50 -8.08 -0.09
C THR A 511 -33.58 -9.14 -0.31
N GLU A 512 -34.80 -8.81 0.13
CA GLU A 512 -35.99 -9.58 -0.18
C GLU A 512 -36.80 -8.75 -1.18
N ASP A 513 -36.79 -9.17 -2.45
CA ASP A 513 -37.64 -8.58 -3.48
C ASP A 513 -37.54 -7.05 -3.54
N ASN A 514 -36.33 -6.53 -3.75
CA ASN A 514 -36.06 -5.08 -3.81
C ASN A 514 -36.24 -4.33 -2.47
N ILE A 515 -36.53 -5.05 -1.39
CA ILE A 515 -36.61 -4.44 -0.05
C ILE A 515 -35.53 -5.05 0.87
N THR A 516 -34.89 -4.19 1.66
CA THR A 516 -33.70 -4.58 2.42
C THR A 516 -33.94 -4.66 3.91
N SER A 517 -33.31 -5.65 4.55
CA SER A 517 -33.48 -5.88 5.98
C SER A 517 -32.14 -6.19 6.66
N SER A 518 -32.07 -5.95 7.97
CA SER A 518 -30.82 -6.03 8.73
C SER A 518 -30.97 -6.90 9.97
N VAL A 519 -29.88 -7.60 10.33
CA VAL A 519 -29.78 -8.42 11.55
C VAL A 519 -28.32 -8.51 12.01
N LEU A 520 -28.10 -8.48 13.33
CA LEU A 520 -26.79 -8.76 13.91
C LEU A 520 -26.72 -10.22 14.40
N PHE A 521 -25.79 -10.98 13.83
CA PHE A 521 -25.67 -12.40 14.05
C PHE A 521 -24.74 -12.64 15.23
N ASN A 522 -25.30 -12.90 16.40
CA ASN A 522 -24.52 -13.08 17.63
C ASN A 522 -23.63 -14.33 17.66
N ARG A 523 -22.37 -14.11 18.00
CA ARG A 523 -21.37 -15.17 18.27
C ARG A 523 -21.95 -16.34 19.07
N SER A 524 -22.72 -16.02 20.10
CA SER A 524 -23.30 -16.99 21.02
C SER A 524 -24.48 -17.82 20.44
N GLU A 525 -24.96 -17.45 19.26
CA GLU A 525 -25.96 -18.27 18.53
C GLU A 525 -25.22 -19.41 17.86
N LYS A 526 -24.79 -20.37 18.69
CA LYS A 526 -23.86 -21.44 18.27
C LYS A 526 -24.41 -22.28 17.13
N GLU A 527 -25.73 -22.35 17.03
CA GLU A 527 -26.37 -23.18 16.03
C GLU A 527 -27.06 -22.32 14.99
N GLY A 528 -26.46 -21.16 14.72
CA GLY A 528 -26.93 -20.24 13.68
C GLY A 528 -28.24 -19.52 13.96
N ILE A 529 -28.63 -18.64 13.03
CA ILE A 529 -29.90 -17.92 13.09
C ILE A 529 -30.74 -18.07 11.82
N THR A 530 -31.96 -17.57 11.89
CA THR A 530 -32.90 -17.60 10.77
C THR A 530 -33.24 -16.15 10.39
N LEU A 531 -33.29 -15.87 9.09
CA LEU A 531 -33.47 -14.49 8.63
C LEU A 531 -34.93 -14.09 8.40
N ASN A 532 -35.42 -13.12 9.17
CA ASN A 532 -36.82 -12.68 9.09
C ASN A 532 -37.24 -12.14 7.72
N SER A 537 -42.30 -11.65 3.34
CA SER A 537 -42.73 -13.04 3.58
C SER A 537 -43.08 -13.78 2.29
N GLY A 538 -43.23 -15.11 2.39
CA GLY A 538 -43.55 -15.98 1.25
C GLY A 538 -42.45 -16.03 0.20
N ASN A 539 -41.30 -16.58 0.58
CA ASN A 539 -40.09 -16.32 -0.17
C ASN A 539 -39.54 -17.47 -1.02
N ALA A 540 -39.05 -17.10 -2.20
CA ALA A 540 -38.46 -18.02 -3.17
C ALA A 540 -36.97 -17.76 -3.42
N PHE A 541 -36.54 -16.51 -3.21
CA PHE A 541 -35.11 -16.16 -3.32
C PHE A 541 -34.67 -15.01 -2.42
N LEU A 542 -33.54 -15.24 -1.74
CA LEU A 542 -33.07 -14.33 -0.72
C LEU A 542 -31.63 -13.90 -1.01
N LYS A 543 -31.45 -12.64 -1.39
CA LYS A 543 -30.14 -12.08 -1.77
C LYS A 543 -29.33 -11.59 -0.56
N ILE A 544 -28.41 -12.44 -0.08
CA ILE A 544 -27.66 -12.15 1.15
C ILE A 544 -26.38 -11.36 0.88
N ASN A 545 -26.10 -10.39 1.75
CA ASN A 545 -24.93 -9.51 1.65
C ASN A 545 -24.88 -8.68 0.36
N PRO A 546 -25.86 -7.78 0.17
CA PRO A 546 -25.92 -6.97 -1.06
C PRO A 546 -24.68 -6.10 -1.23
N ASP A 547 -24.22 -5.96 -2.47
CA ASP A 547 -23.01 -5.21 -2.82
C ASP A 547 -21.76 -5.67 -2.07
N HIS A 548 -21.81 -6.90 -1.56
CA HIS A 548 -20.74 -7.49 -0.75
C HIS A 548 -20.29 -6.50 0.33
N ILE A 549 -21.26 -5.96 1.06
CA ILE A 549 -21.00 -4.90 2.04
C ILE A 549 -20.35 -5.43 3.32
N GLY A 550 -20.63 -6.68 3.65
CA GLY A 550 -20.03 -7.31 4.82
C GLY A 550 -18.80 -8.11 4.47
N PHE A 551 -17.86 -8.17 5.42
CA PHE A 551 -16.60 -8.84 5.16
C PHE A 551 -16.71 -10.35 5.34
N TYR A 552 -17.56 -10.97 4.51
CA TYR A 552 -17.79 -12.40 4.58
C TYR A 552 -18.26 -12.97 3.25
N ARG A 553 -18.24 -14.30 3.12
CA ARG A 553 -18.73 -14.96 1.92
C ARG A 553 -20.02 -15.73 2.22
N VAL A 554 -20.86 -15.86 1.22
CA VAL A 554 -22.13 -16.54 1.37
C VAL A 554 -22.14 -17.77 0.45
N ASN A 555 -22.28 -18.92 1.08
CA ASN A 555 -22.43 -20.18 0.38
C ASN A 555 -23.90 -20.62 0.37
N TYR A 556 -24.57 -20.34 -0.74
CA TYR A 556 -25.95 -20.78 -0.93
C TYR A 556 -25.99 -22.28 -1.12
N GLU A 557 -27.17 -22.88 -1.01
CA GLU A 557 -27.33 -24.28 -1.38
C GLU A 557 -27.05 -24.43 -2.87
N VAL A 558 -26.58 -25.61 -3.27
CA VAL A 558 -26.21 -25.85 -4.66
C VAL A 558 -27.38 -25.54 -5.60
N ALA A 559 -28.58 -25.94 -5.17
CA ALA A 559 -29.80 -25.70 -5.96
C ALA A 559 -29.97 -24.21 -6.27
N THR A 560 -29.82 -23.37 -5.26
CA THR A 560 -29.83 -21.91 -5.43
C THR A 560 -28.75 -21.46 -6.43
N TRP A 561 -27.52 -21.93 -6.24
CA TRP A 561 -26.42 -21.51 -7.13
C TRP A 561 -26.76 -21.80 -8.60
N ASP A 562 -27.28 -23.01 -8.84
CA ASP A 562 -27.75 -23.46 -10.14
C ASP A 562 -28.79 -22.49 -10.70
N SER A 563 -29.72 -22.09 -9.85
CA SER A 563 -30.79 -21.17 -10.23
C SER A 563 -30.26 -19.78 -10.52
N ILE A 564 -29.15 -19.42 -9.89
CA ILE A 564 -28.50 -18.13 -10.14
C ILE A 564 -27.86 -18.12 -11.52
N ALA A 565 -27.19 -19.23 -11.87
CA ALA A 565 -26.59 -19.40 -13.21
C ALA A 565 -27.63 -19.22 -14.33
N THR A 566 -28.73 -19.95 -14.21
CA THR A 566 -29.85 -19.84 -15.14
C THR A 566 -30.40 -18.41 -15.22
N ALA A 567 -30.60 -17.77 -14.06
CA ALA A 567 -31.11 -16.39 -14.01
C ALA A 567 -30.16 -15.42 -14.71
N LEU A 568 -28.86 -15.67 -14.61
CA LEU A 568 -27.87 -14.86 -15.30
C LEU A 568 -27.94 -15.05 -16.82
N SER A 569 -28.12 -16.30 -17.25
CA SER A 569 -28.23 -16.63 -18.67
C SER A 569 -29.44 -15.95 -19.30
N LEU A 570 -30.52 -15.88 -18.53
CA LEU A 570 -31.79 -15.33 -19.00
C LEU A 570 -31.83 -13.80 -19.00
N ASN A 571 -31.60 -13.19 -17.84
CA ASN A 571 -31.47 -11.72 -17.71
C ASN A 571 -30.51 -11.35 -16.59
N HIS A 572 -29.24 -11.18 -16.93
CA HIS A 572 -28.21 -10.94 -15.91
C HIS A 572 -28.44 -9.65 -15.14
N LYS A 573 -29.07 -8.67 -15.81
CA LYS A 573 -29.38 -7.37 -15.20
C LYS A 573 -30.27 -7.47 -13.96
N THR A 574 -30.87 -8.65 -13.75
CA THR A 574 -31.66 -8.92 -12.54
C THR A 574 -30.85 -8.59 -11.29
N PHE A 575 -29.55 -8.85 -11.35
CA PHE A 575 -28.64 -8.48 -10.27
C PHE A 575 -27.91 -7.19 -10.61
N SER A 576 -27.57 -6.41 -9.59
CA SER A 576 -26.75 -5.22 -9.77
C SER A 576 -25.34 -5.63 -10.20
N SER A 577 -24.60 -4.69 -10.79
CA SER A 577 -23.24 -4.95 -11.27
C SER A 577 -22.38 -5.51 -10.16
N ALA A 578 -22.49 -4.91 -8.97
CA ALA A 578 -21.73 -5.33 -7.80
C ALA A 578 -22.10 -6.74 -7.36
N ASP A 579 -23.41 -7.02 -7.26
CA ASP A 579 -23.93 -8.31 -6.80
C ASP A 579 -23.45 -9.46 -7.68
N ARG A 580 -23.45 -9.24 -9.00
CA ARG A 580 -22.84 -10.17 -9.94
C ARG A 580 -21.37 -10.45 -9.59
N ALA A 581 -20.56 -9.38 -9.48
CA ALA A 581 -19.14 -9.52 -9.16
C ALA A 581 -18.97 -10.32 -7.88
N SER A 582 -19.79 -9.99 -6.89
CA SER A 582 -19.73 -10.61 -5.58
C SER A 582 -20.10 -12.10 -5.61
N LEU A 583 -21.18 -12.44 -6.29
CA LEU A 583 -21.60 -13.83 -6.44
C LEU A 583 -20.53 -14.64 -7.19
N ILE A 584 -19.99 -14.06 -8.26
CA ILE A 584 -18.94 -14.70 -9.04
C ILE A 584 -17.69 -14.86 -8.18
N ASP A 585 -17.39 -13.85 -7.38
CA ASP A 585 -16.19 -13.87 -6.55
C ASP A 585 -16.27 -14.90 -5.43
N ASP A 586 -17.41 -14.97 -4.75
CA ASP A 586 -17.61 -15.97 -3.72
C ASP A 586 -17.54 -17.40 -4.24
N ALA A 587 -18.30 -17.66 -5.32
CA ALA A 587 -18.39 -19.00 -5.90
C ALA A 587 -17.03 -19.56 -6.24
N PHE A 588 -16.24 -18.77 -6.98
CA PHE A 588 -14.90 -19.20 -7.34
C PHE A 588 -13.96 -19.36 -6.15
N ALA A 589 -14.16 -18.55 -5.10
CA ALA A 589 -13.39 -18.70 -3.87
C ALA A 589 -13.81 -19.96 -3.11
N LEU A 590 -15.12 -20.19 -3.07
CA LEU A 590 -15.68 -21.39 -2.47
C LEU A 590 -15.24 -22.66 -3.20
N ALA A 591 -15.13 -22.59 -4.53
CA ALA A 591 -14.67 -23.72 -5.31
C ALA A 591 -13.20 -24.00 -5.00
N ARG A 592 -12.41 -22.92 -4.97
CA ARG A 592 -11.00 -22.99 -4.66
C ARG A 592 -10.75 -23.67 -3.31
N ALA A 593 -11.62 -23.39 -2.35
CA ALA A 593 -11.53 -23.88 -0.98
C ALA A 593 -12.20 -25.25 -0.77
N GLN A 594 -12.63 -25.88 -1.87
CA GLN A 594 -13.33 -27.16 -1.80
C GLN A 594 -14.59 -27.08 -0.94
N LEU A 595 -15.34 -25.99 -1.11
CA LEU A 595 -16.61 -25.80 -0.40
C LEU A 595 -17.79 -25.75 -1.36
N LEU A 596 -17.48 -25.74 -2.65
CA LEU A 596 -18.46 -25.73 -3.73
C LEU A 596 -17.83 -26.35 -4.96
N ASP A 597 -18.56 -27.25 -5.59
CA ASP A 597 -18.13 -27.93 -6.78
C ASP A 597 -17.87 -26.94 -7.89
N TYR A 598 -16.76 -27.13 -8.60
CA TYR A 598 -16.30 -26.20 -9.63
C TYR A 598 -17.27 -26.05 -10.79
N LYS A 599 -17.98 -27.14 -11.12
CA LYS A 599 -19.00 -27.13 -12.17
C LYS A 599 -20.05 -26.05 -11.88
N VAL A 600 -20.43 -25.94 -10.61
CA VAL A 600 -21.36 -24.92 -10.17
C VAL A 600 -20.81 -23.51 -10.42
N ALA A 601 -19.58 -23.27 -9.96
CA ALA A 601 -18.91 -21.99 -10.16
C ALA A 601 -18.74 -21.66 -11.64
N LEU A 602 -18.22 -22.60 -12.42
CA LEU A 602 -18.01 -22.36 -13.84
C LEU A 602 -19.31 -22.01 -14.55
N ASN A 603 -20.37 -22.74 -14.22
CA ASN A 603 -21.71 -22.51 -14.77
C ASN A 603 -22.13 -21.04 -14.70
N LEU A 604 -21.67 -20.32 -13.67
CA LEU A 604 -21.99 -18.90 -13.54
C LEU A 604 -21.32 -18.04 -14.60
N THR A 605 -20.36 -18.59 -15.33
CA THR A 605 -19.64 -17.78 -16.34
C THR A 605 -20.29 -17.84 -17.71
N LYS A 606 -21.27 -18.72 -17.84
CA LYS A 606 -21.93 -19.02 -19.12
C LYS A 606 -22.64 -17.84 -19.76
N TYR A 607 -23.14 -16.94 -18.93
CA TYR A 607 -23.90 -15.79 -19.41
C TYR A 607 -23.01 -14.72 -20.05
N LEU A 608 -21.70 -14.80 -19.81
CA LEU A 608 -20.78 -13.65 -20.04
C LEU A 608 -20.78 -12.98 -21.41
N LYS A 609 -21.21 -13.66 -22.46
CA LYS A 609 -21.25 -13.01 -23.79
C LYS A 609 -22.08 -11.75 -23.77
N ARG A 610 -23.00 -11.66 -22.80
CA ARG A 610 -23.88 -10.51 -22.66
C ARG A 610 -23.45 -9.56 -21.53
N GLU A 611 -22.42 -9.94 -20.79
CA GLU A 611 -21.88 -9.09 -19.74
C GLU A 611 -21.24 -7.84 -20.34
N GLU A 612 -21.52 -6.70 -19.71
CA GLU A 612 -21.10 -5.39 -20.21
C GLU A 612 -20.60 -4.42 -19.12
N ASN A 613 -20.63 -4.85 -17.85
CA ASN A 613 -20.17 -4.00 -16.75
C ASN A 613 -18.78 -4.32 -16.26
N PHE A 614 -18.11 -3.26 -15.78
CA PHE A 614 -16.76 -3.32 -15.31
C PHE A 614 -16.56 -4.29 -14.14
N LEU A 615 -17.35 -4.11 -13.08
CA LEU A 615 -17.16 -4.88 -11.86
C LEU A 615 -17.20 -6.40 -12.05
N PRO A 616 -18.26 -6.91 -12.70
CA PRO A 616 -18.29 -8.37 -12.89
C PRO A 616 -17.12 -8.87 -13.74
N TRP A 617 -16.77 -8.14 -14.80
CA TRP A 617 -15.66 -8.55 -15.65
C TRP A 617 -14.33 -8.58 -14.90
N GLN A 618 -14.13 -7.63 -13.99
CA GLN A 618 -12.88 -7.60 -13.24
C GLN A 618 -12.71 -8.84 -12.40
N ARG A 619 -13.78 -9.22 -11.69
CA ARG A 619 -13.72 -10.37 -10.80
C ARG A 619 -13.75 -11.71 -11.54
N VAL A 620 -14.35 -11.72 -12.73
CA VAL A 620 -14.24 -12.87 -13.62
C VAL A 620 -12.78 -13.07 -14.03
N ILE A 621 -12.18 -12.00 -14.56
CA ILE A 621 -10.80 -12.02 -15.04
C ILE A 621 -9.84 -12.43 -13.93
N SER A 622 -10.06 -11.91 -12.72
CA SER A 622 -9.27 -12.32 -11.57
C SER A 622 -9.34 -13.83 -11.34
N ALA A 623 -10.56 -14.38 -11.34
CA ALA A 623 -10.78 -15.80 -11.05
C ALA A 623 -10.21 -16.70 -12.14
N VAL A 624 -10.37 -16.29 -13.40
CA VAL A 624 -9.89 -17.05 -14.54
C VAL A 624 -8.36 -17.01 -14.64
N THR A 625 -7.77 -15.86 -14.34
CA THR A 625 -6.34 -15.70 -14.41
C THR A 625 -5.68 -16.77 -13.55
N TYR A 626 -6.21 -17.01 -12.36
CA TYR A 626 -5.67 -18.01 -11.45
C TYR A 626 -5.76 -19.43 -12.05
N ILE A 627 -6.97 -19.80 -12.48
CA ILE A 627 -7.24 -21.12 -13.06
C ILE A 627 -6.34 -21.35 -14.29
N ILE A 628 -6.33 -20.38 -15.19
CA ILE A 628 -5.48 -20.40 -16.39
C ILE A 628 -4.01 -20.56 -15.99
N SER A 629 -3.64 -19.86 -14.93
CA SER A 629 -2.27 -19.88 -14.41
C SER A 629 -1.87 -21.30 -13.99
N MET A 630 -2.77 -21.97 -13.27
CA MET A 630 -2.50 -23.30 -12.77
C MET A 630 -2.39 -24.35 -13.87
N PHE A 631 -2.92 -24.04 -15.04
CA PHE A 631 -2.88 -25.00 -16.16
C PHE A 631 -2.01 -24.53 -17.31
N GLU A 632 -1.23 -23.47 -17.07
CA GLU A 632 -0.34 -22.94 -18.09
C GLU A 632 0.37 -24.04 -18.86
N ASP A 633 0.98 -24.98 -18.13
CA ASP A 633 1.76 -26.05 -18.76
C ASP A 633 0.98 -27.35 -19.02
N ASP A 634 -0.35 -27.27 -19.04
CA ASP A 634 -1.18 -28.44 -19.28
C ASP A 634 -1.73 -28.36 -20.70
N LYS A 635 -1.05 -29.02 -21.63
CA LYS A 635 -1.40 -28.95 -23.06
C LYS A 635 -2.79 -29.48 -23.36
N GLU A 636 -3.38 -30.19 -22.41
CA GLU A 636 -4.73 -30.74 -22.58
C GLU A 636 -5.80 -29.73 -22.19
N LEU A 637 -5.71 -29.21 -20.96
CA LEU A 637 -6.72 -28.28 -20.45
C LEU A 637 -6.63 -26.88 -21.02
N TYR A 638 -5.41 -26.38 -21.15
CA TYR A 638 -5.20 -24.97 -21.46
C TYR A 638 -5.92 -24.46 -22.69
N PRO A 639 -5.75 -25.13 -23.85
CA PRO A 639 -6.41 -24.63 -25.07
C PRO A 639 -7.91 -24.52 -24.91
N MET A 640 -8.50 -25.45 -24.16
CA MET A 640 -9.94 -25.52 -23.92
C MET A 640 -10.46 -24.33 -23.11
N ILE A 641 -9.70 -23.95 -22.09
CA ILE A 641 -10.03 -22.80 -21.25
C ILE A 641 -9.83 -21.52 -22.05
N GLU A 642 -8.72 -21.45 -22.76
CA GLU A 642 -8.41 -20.35 -23.64
C GLU A 642 -9.56 -20.16 -24.62
N GLU A 643 -9.93 -21.25 -25.31
CA GLU A 643 -10.98 -21.23 -26.33
C GLU A 643 -12.30 -20.73 -25.77
N TYR A 644 -12.73 -21.33 -24.65
CA TYR A 644 -13.92 -20.89 -23.95
C TYR A 644 -13.88 -19.40 -23.66
N PHE A 645 -12.98 -18.98 -22.77
CA PHE A 645 -12.94 -17.59 -22.31
C PHE A 645 -12.67 -16.57 -23.41
N GLN A 646 -11.93 -16.99 -24.43
CA GLN A 646 -11.77 -16.17 -25.62
C GLN A 646 -13.18 -15.85 -26.15
N GLY A 647 -14.00 -16.89 -26.31
CA GLY A 647 -15.38 -16.75 -26.79
C GLY A 647 -16.28 -15.91 -25.89
N GLN A 648 -16.06 -15.96 -24.57
CA GLN A 648 -16.87 -15.20 -23.62
C GLN A 648 -16.58 -13.68 -23.60
N VAL A 649 -15.32 -13.26 -23.81
CA VAL A 649 -15.01 -11.81 -23.91
C VAL A 649 -15.17 -11.22 -25.29
N LYS A 650 -15.11 -12.06 -26.32
CA LYS A 650 -15.03 -11.54 -27.69
C LYS A 650 -16.07 -10.45 -27.96
N PRO A 651 -17.37 -10.72 -27.68
CA PRO A 651 -18.37 -9.68 -27.99
C PRO A 651 -18.09 -8.33 -27.33
N ILE A 652 -17.84 -8.31 -26.03
CA ILE A 652 -17.58 -7.04 -25.33
C ILE A 652 -16.30 -6.39 -25.86
N ALA A 653 -15.26 -7.18 -26.09
CA ALA A 653 -13.99 -6.68 -26.65
C ALA A 653 -14.20 -6.07 -28.02
N ASP A 654 -15.01 -6.73 -28.85
CA ASP A 654 -15.32 -6.21 -30.18
C ASP A 654 -16.19 -4.96 -30.08
N SER A 655 -17.20 -5.01 -29.20
CA SER A 655 -18.15 -3.92 -29.00
C SER A 655 -17.48 -2.60 -28.57
N LEU A 656 -16.47 -2.71 -27.73
CA LEU A 656 -15.78 -1.53 -27.21
C LEU A 656 -14.71 -1.02 -28.16
N GLY A 657 -14.01 -1.93 -28.84
CA GLY A 657 -13.06 -1.57 -29.91
C GLY A 657 -11.74 -0.98 -29.45
N TRP A 658 -10.80 -0.84 -30.38
CA TRP A 658 -9.49 -0.31 -30.06
C TRP A 658 -9.43 1.20 -30.25
N ASN A 659 -10.17 1.92 -29.39
CA ASN A 659 -10.27 3.39 -29.46
C ASN A 659 -10.76 4.03 -28.16
N ASP A 660 -10.11 5.11 -27.75
CA ASP A 660 -10.49 5.82 -26.52
C ASP A 660 -11.82 6.56 -26.63
N ALA A 661 -12.91 5.88 -26.30
CA ALA A 661 -14.25 6.49 -26.32
C ALA A 661 -15.09 6.04 -25.12
N GLY A 662 -15.93 6.94 -24.61
CA GLY A 662 -16.80 6.62 -23.47
C GLY A 662 -16.31 7.24 -22.16
N ASP A 663 -17.11 7.11 -21.10
CA ASP A 663 -16.74 7.68 -19.79
C ASP A 663 -15.64 6.88 -19.10
N HIS A 664 -15.26 7.34 -17.91
CA HIS A 664 -14.15 6.76 -17.18
C HIS A 664 -14.23 5.23 -17.11
N VAL A 665 -15.32 4.73 -16.55
CA VAL A 665 -15.46 3.31 -16.24
C VAL A 665 -15.47 2.44 -17.49
N THR A 666 -16.07 2.95 -18.56
CA THR A 666 -16.04 2.28 -19.85
C THR A 666 -14.60 2.14 -20.33
N LYS A 667 -13.82 3.19 -20.17
CA LYS A 667 -12.43 3.20 -20.65
C LYS A 667 -11.59 2.20 -19.87
N LEU A 668 -11.83 2.12 -18.56
CA LEU A 668 -11.22 1.09 -17.72
C LEU A 668 -11.63 -0.31 -18.15
N LEU A 669 -12.93 -0.48 -18.45
CA LEU A 669 -13.45 -1.76 -18.92
C LEU A 669 -12.75 -2.22 -20.19
N ARG A 670 -12.62 -1.31 -21.15
CA ARG A 670 -11.97 -1.64 -22.41
C ARG A 670 -10.56 -2.14 -22.21
N SER A 671 -9.80 -1.43 -21.36
CA SER A 671 -8.46 -1.88 -20.98
C SER A 671 -8.47 -3.33 -20.52
N SER A 672 -9.19 -3.64 -19.46
CA SER A 672 -9.09 -5.01 -18.93
C SER A 672 -9.66 -6.04 -19.87
N VAL A 673 -10.70 -5.65 -20.62
CA VAL A 673 -11.37 -6.58 -21.50
C VAL A 673 -10.55 -6.90 -22.77
N LEU A 674 -9.92 -5.89 -23.36
CA LEU A 674 -9.02 -6.12 -24.49
C LEU A 674 -7.76 -6.86 -24.08
N GLY A 675 -7.28 -6.60 -22.86
CA GLY A 675 -6.10 -7.27 -22.33
C GLY A 675 -6.35 -8.75 -22.13
N PHE A 676 -7.51 -9.06 -21.57
CA PHE A 676 -7.92 -10.44 -21.34
C PHE A 676 -8.06 -11.17 -22.68
N ALA A 677 -8.69 -10.49 -23.65
CA ALA A 677 -8.79 -11.00 -25.02
C ALA A 677 -7.41 -11.41 -25.55
N CYS A 678 -6.44 -10.50 -25.41
CA CYS A 678 -5.06 -10.76 -25.80
C CYS A 678 -4.49 -11.92 -24.99
N LYS A 679 -4.69 -11.87 -23.68
CA LYS A 679 -4.19 -12.92 -22.82
C LYS A 679 -4.74 -14.26 -23.27
N MET A 680 -6.03 -14.30 -23.60
CA MET A 680 -6.69 -15.52 -24.02
C MET A 680 -6.36 -15.97 -25.45
N GLY A 681 -5.64 -15.14 -26.21
CA GLY A 681 -5.11 -15.56 -27.50
C GLY A 681 -5.94 -15.25 -28.74
N ASP A 682 -6.87 -14.31 -28.60
CA ASP A 682 -7.68 -13.79 -29.70
C ASP A 682 -6.78 -13.25 -30.79
N ARG A 683 -6.78 -13.91 -31.95
CA ARG A 683 -5.87 -13.52 -33.04
C ARG A 683 -6.06 -12.07 -33.43
N GLU A 684 -7.32 -11.64 -33.46
CA GLU A 684 -7.68 -10.29 -33.93
C GLU A 684 -7.34 -9.20 -32.93
N ALA A 685 -7.42 -9.49 -31.65
CA ALA A 685 -7.00 -8.57 -30.61
C ALA A 685 -5.48 -8.43 -30.63
N LEU A 686 -4.78 -9.57 -30.74
CA LEU A 686 -3.31 -9.58 -30.83
C LEU A 686 -2.81 -8.79 -32.04
N ASN A 687 -3.52 -8.93 -33.15
CA ASN A 687 -3.17 -8.22 -34.38
C ASN A 687 -3.35 -6.72 -34.28
N ASN A 688 -4.38 -6.29 -33.55
CA ASN A 688 -4.58 -4.87 -33.26
C ASN A 688 -3.39 -4.33 -32.46
N ALA A 689 -2.95 -5.11 -31.48
CA ALA A 689 -1.81 -4.76 -30.67
C ALA A 689 -0.56 -4.65 -31.54
N SER A 690 -0.24 -5.69 -32.30
CA SER A 690 0.92 -5.66 -33.19
C SER A 690 0.91 -4.50 -34.18
N SER A 691 -0.24 -4.29 -34.81
CA SER A 691 -0.41 -3.20 -35.79
C SER A 691 -0.10 -1.85 -35.15
N LEU A 692 -0.74 -1.55 -34.01
CA LEU A 692 -0.51 -0.30 -33.30
C LEU A 692 0.96 -0.18 -32.84
N PHE A 693 1.52 -1.30 -32.36
CA PHE A 693 2.91 -1.33 -31.98
C PHE A 693 3.81 -0.96 -33.15
N GLU A 694 3.65 -1.64 -34.30
CA GLU A 694 4.43 -1.36 -35.50
C GLU A 694 4.38 0.13 -35.90
N GLN A 695 3.19 0.72 -35.79
CA GLN A 695 3.00 2.16 -36.03
C GLN A 695 3.72 3.02 -34.99
N TRP A 696 3.64 2.62 -33.73
CA TRP A 696 4.31 3.36 -32.67
C TRP A 696 5.81 3.39 -32.91
N LEU A 697 6.37 2.27 -33.41
CA LEU A 697 7.79 2.19 -33.76
C LEU A 697 8.18 3.16 -34.85
N ASN A 698 7.21 3.59 -35.67
CA ASN A 698 7.49 4.55 -36.75
C ASN A 698 7.74 5.98 -36.25
N GLY A 699 7.58 6.20 -34.96
CA GLY A 699 8.18 7.36 -34.28
C GLY A 699 7.37 8.62 -34.03
N THR A 700 6.15 8.64 -34.54
CA THR A 700 5.30 9.85 -34.47
C THR A 700 3.97 9.55 -33.81
N VAL A 701 3.30 8.50 -34.31
CA VAL A 701 1.94 8.17 -33.92
C VAL A 701 1.83 7.98 -32.42
N SER A 702 1.16 8.92 -31.76
CA SER A 702 0.92 8.87 -30.33
C SER A 702 -0.26 7.94 -30.03
N LEU A 703 0.01 6.80 -29.42
CA LEU A 703 -1.02 5.78 -29.14
C LEU A 703 -2.13 6.28 -28.23
N PRO A 704 -3.36 5.80 -28.45
CA PRO A 704 -4.46 6.07 -27.52
C PRO A 704 -4.05 5.72 -26.09
N VAL A 705 -4.30 6.64 -25.17
CA VAL A 705 -3.73 6.56 -23.82
C VAL A 705 -4.14 5.30 -23.06
N ASN A 706 -5.39 4.87 -23.24
CA ASN A 706 -5.87 3.70 -22.51
C ASN A 706 -5.51 2.35 -23.16
N LEU A 707 -4.81 2.39 -24.28
CA LEU A 707 -4.40 1.18 -25.01
C LEU A 707 -2.89 0.94 -25.02
N ARG A 708 -2.13 2.00 -24.78
CA ARG A 708 -0.66 1.98 -24.76
C ARG A 708 -0.04 0.78 -24.05
N LEU A 709 -0.38 0.60 -22.78
CA LEU A 709 0.19 -0.51 -22.01
C LEU A 709 0.00 -1.84 -22.75
N LEU A 710 -1.21 -2.07 -23.26
CA LEU A 710 -1.54 -3.33 -23.93
C LEU A 710 -0.75 -3.47 -25.22
N VAL A 711 -0.63 -2.36 -25.92
CA VAL A 711 0.13 -2.32 -27.16
C VAL A 711 1.61 -2.63 -26.92
N TYR A 712 2.22 -2.01 -25.90
CA TYR A 712 3.64 -2.26 -25.59
C TYR A 712 3.85 -3.70 -25.16
N ARG A 713 2.96 -4.18 -24.30
CA ARG A 713 3.04 -5.56 -23.81
C ARG A 713 2.87 -6.59 -24.92
N TYR A 714 1.68 -6.62 -25.54
CA TYR A 714 1.36 -7.66 -26.52
C TYR A 714 2.03 -7.41 -27.86
N GLY A 715 2.26 -6.13 -28.17
CA GLY A 715 3.07 -5.77 -29.33
C GLY A 715 4.49 -6.29 -29.22
N MET A 716 5.11 -6.09 -28.06
CA MET A 716 6.46 -6.58 -27.89
C MET A 716 6.45 -8.10 -27.81
N GLN A 717 5.47 -8.65 -27.10
CA GLN A 717 5.39 -10.09 -26.97
C GLN A 717 5.29 -10.80 -28.34
N ASN A 718 4.51 -10.23 -29.25
CA ASN A 718 4.23 -10.91 -30.51
C ASN A 718 5.10 -10.55 -31.66
N SER A 719 5.66 -9.35 -31.69
CA SER A 719 6.52 -8.97 -32.81
C SER A 719 7.80 -8.26 -32.40
N GLY A 720 8.09 -8.27 -31.10
CA GLY A 720 9.30 -7.66 -30.57
C GLY A 720 10.56 -8.38 -31.02
N ASN A 721 11.60 -7.61 -31.28
CA ASN A 721 12.92 -8.17 -31.56
C ASN A 721 13.97 -7.19 -31.03
N GLU A 722 15.24 -7.46 -31.29
CA GLU A 722 16.29 -6.63 -30.71
C GLU A 722 16.16 -5.17 -31.17
N ILE A 723 15.89 -4.96 -32.46
CA ILE A 723 15.72 -3.60 -32.96
C ILE A 723 14.60 -2.83 -32.23
N SER A 724 13.45 -3.47 -32.01
CA SER A 724 12.34 -2.77 -31.35
C SER A 724 12.50 -2.70 -29.82
N TRP A 725 13.19 -3.69 -29.26
CA TRP A 725 13.56 -3.66 -27.85
C TRP A 725 14.50 -2.46 -27.56
N ASN A 726 15.58 -2.36 -28.33
CA ASN A 726 16.52 -1.24 -28.21
C ASN A 726 15.84 0.10 -28.36
N TYR A 727 14.89 0.16 -29.29
CA TYR A 727 14.18 1.40 -29.55
C TYR A 727 13.35 1.75 -28.33
N THR A 728 12.63 0.77 -27.82
CA THR A 728 11.76 0.94 -26.65
C THR A 728 12.62 1.39 -25.46
N LEU A 729 13.79 0.78 -25.33
CA LEU A 729 14.71 1.15 -24.25
C LEU A 729 15.12 2.64 -24.36
N GLU A 730 15.47 3.11 -25.55
CA GLU A 730 15.76 4.53 -25.77
C GLU A 730 14.58 5.42 -25.40
N GLN A 731 13.39 5.04 -25.85
CA GLN A 731 12.18 5.83 -25.58
C GLN A 731 11.92 5.99 -24.08
N TYR A 732 12.18 4.92 -23.35
CA TYR A 732 12.02 4.92 -21.92
C TYR A 732 12.98 5.97 -21.29
N GLN A 733 14.22 6.00 -21.77
CA GLN A 733 15.19 6.99 -21.31
C GLN A 733 14.74 8.39 -21.67
N LYS A 734 14.23 8.58 -22.88
CA LYS A 734 13.93 9.91 -23.39
C LYS A 734 12.69 10.56 -22.80
N THR A 735 11.69 9.76 -22.42
CA THR A 735 10.45 10.37 -21.93
C THR A 735 10.58 10.87 -20.49
N SER A 736 10.05 12.06 -20.21
CA SER A 736 10.08 12.63 -18.85
C SER A 736 8.96 12.12 -17.95
N LEU A 737 7.86 11.66 -18.56
CA LEU A 737 6.69 11.25 -17.82
C LEU A 737 6.91 9.88 -17.22
N ALA A 738 6.94 9.81 -15.89
CA ALA A 738 7.18 8.55 -15.19
C ALA A 738 6.11 7.49 -15.52
N GLN A 739 4.87 7.93 -15.70
CA GLN A 739 3.78 7.00 -16.02
C GLN A 739 4.01 6.28 -17.36
N GLU A 740 4.56 7.00 -18.35
CA GLU A 740 4.95 6.38 -19.63
C GLU A 740 6.14 5.43 -19.45
N LYS A 741 7.18 5.90 -18.74
CA LYS A 741 8.37 5.09 -18.43
C LYS A 741 7.96 3.71 -17.91
N GLU A 742 7.06 3.70 -16.92
CA GLU A 742 6.65 2.46 -16.28
C GLU A 742 5.97 1.50 -17.27
N LYS A 743 5.20 2.05 -18.21
CA LYS A 743 4.55 1.25 -19.23
C LYS A 743 5.61 0.64 -20.14
N LEU A 744 6.64 1.45 -20.48
CA LEU A 744 7.68 1.01 -21.40
C LEU A 744 8.52 -0.11 -20.77
N LEU A 745 8.71 0.00 -19.45
CA LEU A 745 9.38 -1.04 -18.69
C LEU A 745 8.61 -2.36 -18.76
N TYR A 746 7.29 -2.27 -18.64
CA TYR A 746 6.43 -3.45 -18.81
C TYR A 746 6.55 -3.99 -20.25
N GLY A 747 6.46 -3.12 -21.25
CA GLY A 747 6.81 -3.48 -22.64
C GLY A 747 8.10 -4.28 -22.74
N LEU A 748 9.19 -3.72 -22.19
CA LEU A 748 10.50 -4.34 -22.27
C LEU A 748 10.54 -5.73 -21.60
N ALA A 749 9.76 -5.90 -20.53
CA ALA A 749 9.66 -7.18 -19.85
C ALA A 749 8.87 -8.22 -20.64
N SER A 750 8.19 -7.76 -21.70
CA SER A 750 7.29 -8.64 -22.45
C SER A 750 7.96 -9.38 -23.60
N VAL A 751 9.19 -9.02 -23.97
CA VAL A 751 9.84 -9.66 -25.13
C VAL A 751 10.01 -11.16 -24.91
N LYS A 752 9.77 -11.96 -25.95
CA LYS A 752 9.90 -13.42 -25.84
C LYS A 752 11.29 -13.78 -26.29
N ASN A 753 12.28 -13.38 -25.49
CA ASN A 753 13.67 -13.55 -25.84
C ASN A 753 14.57 -13.59 -24.59
N VAL A 754 15.24 -14.72 -24.38
CA VAL A 754 16.05 -14.95 -23.20
C VAL A 754 17.23 -13.99 -23.13
N THR A 755 17.95 -13.84 -24.24
CA THR A 755 19.09 -12.93 -24.34
C THR A 755 18.72 -11.48 -23.97
N LEU A 756 17.56 -11.01 -24.41
CA LEU A 756 17.15 -9.64 -24.14
C LEU A 756 16.67 -9.49 -22.71
N LEU A 757 15.99 -10.51 -22.18
CA LEU A 757 15.58 -10.43 -20.79
C LEU A 757 16.82 -10.47 -19.90
N SER A 758 17.85 -11.19 -20.35
CA SER A 758 19.08 -11.27 -19.58
C SER A 758 19.77 -9.91 -19.51
N ARG A 759 19.80 -9.19 -20.64
CA ARG A 759 20.38 -7.85 -20.65
C ARG A 759 19.61 -6.95 -19.71
N TYR A 760 18.29 -7.10 -19.73
CA TYR A 760 17.39 -6.30 -18.92
C TYR A 760 17.66 -6.52 -17.42
N LEU A 761 17.82 -7.78 -17.05
CA LEU A 761 18.12 -8.12 -15.66
C LEU A 761 19.46 -7.48 -15.22
N ASP A 762 20.44 -7.46 -16.12
CA ASP A 762 21.76 -6.87 -15.85
C ASP A 762 21.67 -5.35 -15.59
N LEU A 763 20.78 -4.68 -16.31
CA LEU A 763 20.48 -3.26 -16.14
C LEU A 763 19.98 -2.90 -14.74
N LEU A 764 19.44 -3.87 -14.02
CA LEU A 764 19.00 -3.64 -12.64
C LEU A 764 20.16 -3.18 -11.73
N LYS A 765 21.39 -3.54 -12.09
CA LYS A 765 22.55 -3.16 -11.31
C LYS A 765 23.09 -1.81 -11.73
N ASP A 766 22.46 -1.21 -12.73
CA ASP A 766 22.92 0.06 -13.27
C ASP A 766 21.94 1.20 -12.95
N THR A 767 22.36 2.04 -12.01
CA THR A 767 21.53 3.12 -11.47
C THR A 767 21.37 4.32 -12.41
N ASN A 768 22.19 4.40 -13.46
CA ASN A 768 21.98 5.38 -14.52
C ASN A 768 20.78 5.00 -15.39
N LEU A 769 20.43 3.71 -15.44
CA LEU A 769 19.35 3.21 -16.29
C LEU A 769 18.05 2.92 -15.55
N ILE A 770 18.13 2.06 -14.52
CA ILE A 770 16.97 1.75 -13.70
C ILE A 770 17.10 2.41 -12.33
N LYS A 771 16.14 3.23 -11.98
CA LYS A 771 16.15 3.84 -10.66
C LYS A 771 15.92 2.79 -9.58
N THR A 772 16.54 3.03 -8.43
CA THR A 772 16.44 2.20 -7.23
C THR A 772 15.00 1.93 -6.81
N GLN A 773 14.14 2.93 -6.97
CA GLN A 773 12.71 2.79 -6.68
C GLN A 773 12.03 1.76 -7.62
N ASP A 774 12.61 1.50 -8.79
CA ASP A 774 11.93 0.69 -9.81
C ASP A 774 12.44 -0.75 -9.91
N VAL A 775 13.50 -1.08 -9.17
CA VAL A 775 14.10 -2.39 -9.31
C VAL A 775 13.09 -3.51 -9.08
N PHE A 776 12.23 -3.36 -8.08
CA PHE A 776 11.35 -4.44 -7.71
C PHE A 776 10.15 -4.57 -8.66
N THR A 777 9.73 -3.41 -9.15
CA THR A 777 8.74 -3.36 -10.19
C THR A 777 9.24 -4.15 -11.40
N VAL A 778 10.48 -3.90 -11.83
CA VAL A 778 10.99 -4.55 -13.03
C VAL A 778 11.13 -6.04 -12.82
N ILE A 779 11.63 -6.45 -11.66
CA ILE A 779 11.78 -7.86 -11.39
C ILE A 779 10.41 -8.56 -11.49
N ARG A 780 9.39 -7.87 -11.03
CA ARG A 780 8.05 -8.38 -10.98
C ARG A 780 7.46 -8.50 -12.40
N TYR A 781 7.67 -7.48 -13.24
CA TYR A 781 7.26 -7.55 -14.64
C TYR A 781 7.92 -8.71 -15.39
N ILE A 782 9.21 -8.90 -15.18
CA ILE A 782 9.94 -9.97 -15.83
C ILE A 782 9.39 -11.33 -15.40
N SER A 783 9.00 -11.43 -14.12
CA SER A 783 8.50 -12.69 -13.59
C SER A 783 7.17 -13.09 -14.26
N TYR A 784 6.44 -12.12 -14.82
CA TYR A 784 5.18 -12.39 -15.49
C TYR A 784 5.38 -13.02 -16.86
N ASN A 785 6.55 -12.80 -17.45
CA ASN A 785 6.91 -13.28 -18.79
C ASN A 785 7.12 -14.79 -18.76
N SER A 786 6.60 -15.49 -19.76
CA SER A 786 6.68 -16.96 -19.71
C SER A 786 8.07 -17.52 -19.58
N TYR A 787 9.07 -16.85 -20.13
CA TYR A 787 10.46 -17.24 -19.87
C TYR A 787 10.91 -16.67 -18.54
N GLY A 788 10.63 -15.39 -18.33
CA GLY A 788 11.07 -14.66 -17.15
C GLY A 788 10.49 -15.08 -15.80
N LYS A 789 9.43 -15.89 -15.80
CA LYS A 789 8.90 -16.40 -14.54
C LYS A 789 10.08 -17.00 -13.79
N ASN A 790 10.77 -17.94 -14.44
CA ASN A 790 11.94 -18.52 -13.82
C ASN A 790 13.22 -17.67 -13.86
N MET A 791 13.35 -16.77 -14.85
CA MET A 791 14.54 -15.92 -14.91
C MET A 791 14.62 -14.97 -13.71
N ALA A 792 13.56 -14.25 -13.40
CA ALA A 792 13.49 -13.36 -12.24
C ALA A 792 13.71 -14.13 -10.93
N TRP A 793 13.09 -15.29 -10.83
CA TRP A 793 13.22 -16.12 -9.65
C TRP A 793 14.67 -16.58 -9.46
N ASN A 794 15.33 -16.97 -10.55
N ASN A 794 15.33 -16.96 -10.55
CA ASN A 794 16.72 -17.40 -10.49
CA ASN A 794 16.71 -17.38 -10.51
C ASN A 794 17.63 -16.22 -10.17
C ASN A 794 17.65 -16.23 -10.20
N TRP A 795 17.35 -15.06 -10.77
CA TRP A 795 18.16 -13.88 -10.60
C TRP A 795 18.16 -13.38 -9.15
N ILE A 796 16.99 -13.25 -8.52
CA ILE A 796 16.95 -12.87 -7.09
C ILE A 796 17.71 -13.86 -6.19
N GLN A 797 17.75 -15.13 -6.57
CA GLN A 797 18.53 -16.08 -5.78
C GLN A 797 20.03 -15.86 -5.95
N LEU A 798 20.48 -15.82 -7.19
CA LEU A 798 21.88 -15.59 -7.49
C LEU A 798 22.39 -14.24 -6.93
N ASN A 799 21.50 -13.26 -6.82
CA ASN A 799 21.88 -11.91 -6.47
C ASN A 799 21.28 -11.48 -5.14
N TRP A 800 20.93 -12.46 -4.30
CA TRP A 800 20.35 -12.18 -2.99
C TRP A 800 21.29 -11.33 -2.12
N ASP A 801 22.55 -11.75 -1.99
CA ASP A 801 23.51 -10.98 -1.17
C ASP A 801 23.61 -9.54 -1.64
N TYR A 802 23.72 -9.37 -2.95
CA TYR A 802 23.72 -8.06 -3.59
C TYR A 802 22.47 -7.24 -3.23
N LEU A 803 21.30 -7.87 -3.22
CA LEU A 803 20.08 -7.12 -2.96
C LEU A 803 19.99 -6.71 -1.50
N VAL A 804 20.35 -7.64 -0.61
CA VAL A 804 20.32 -7.38 0.82
C VAL A 804 21.28 -6.24 1.18
N ASN A 805 22.47 -6.27 0.59
CA ASN A 805 23.46 -5.24 0.82
C ASN A 805 22.97 -3.87 0.33
N ARG A 806 22.33 -3.86 -0.84
CA ARG A 806 21.82 -2.63 -1.42
C ARG A 806 20.59 -2.10 -0.69
N TYR A 807 19.68 -3.00 -0.28
CA TYR A 807 18.40 -2.56 0.32
C TYR A 807 18.28 -2.72 1.83
N THR A 808 19.04 -3.65 2.42
CA THR A 808 18.90 -4.07 3.81
C THR A 808 17.65 -4.93 4.03
N LEU A 809 17.77 -5.87 4.97
CA LEU A 809 16.70 -6.77 5.33
C LEU A 809 15.48 -6.05 5.90
N ASN A 810 15.64 -4.79 6.29
CA ASN A 810 14.52 -3.97 6.76
C ASN A 810 13.66 -3.37 5.65
N ASN A 811 14.06 -3.55 4.40
CA ASN A 811 13.30 -2.97 3.29
C ASN A 811 12.10 -3.83 3.00
N ARG A 812 10.90 -3.27 3.04
CA ARG A 812 9.72 -4.12 2.84
C ARG A 812 9.58 -4.65 1.42
N ASN A 813 9.93 -3.83 0.43
CA ASN A 813 9.80 -4.26 -0.95
C ASN A 813 10.72 -5.43 -1.23
N LEU A 814 11.90 -5.44 -0.62
CA LEU A 814 12.80 -6.58 -0.77
C LEU A 814 12.20 -7.80 -0.10
N GLY A 815 11.61 -7.59 1.08
CA GLY A 815 10.91 -8.66 1.79
C GLY A 815 9.79 -9.27 0.96
N ARG A 816 9.10 -8.43 0.19
CA ARG A 816 7.93 -8.86 -0.55
C ARG A 816 8.27 -9.52 -1.89
N ILE A 817 9.51 -9.39 -2.37
CA ILE A 817 9.82 -9.82 -3.74
C ILE A 817 9.65 -11.33 -3.97
N VAL A 818 9.71 -12.14 -2.91
CA VAL A 818 9.52 -13.59 -3.04
C VAL A 818 8.12 -13.98 -3.51
N THR A 819 7.18 -13.03 -3.48
CA THR A 819 5.82 -13.32 -3.93
C THR A 819 5.76 -13.52 -5.45
N ILE A 820 6.89 -13.29 -6.14
CA ILE A 820 6.96 -13.60 -7.58
C ILE A 820 6.83 -15.10 -7.81
N ALA A 821 6.95 -15.86 -6.73
CA ALA A 821 6.83 -17.32 -6.73
C ALA A 821 5.38 -17.78 -6.53
N GLU A 822 4.45 -16.83 -6.38
CA GLU A 822 3.02 -17.18 -6.22
C GLU A 822 2.46 -18.19 -7.25
N PRO A 823 2.80 -18.04 -8.55
CA PRO A 823 2.27 -18.99 -9.53
C PRO A 823 2.80 -20.40 -9.41
N PHE A 824 3.82 -20.65 -8.58
CA PHE A 824 4.42 -21.98 -8.53
C PHE A 824 3.43 -23.01 -8.00
N ASN A 825 3.48 -24.21 -8.58
CA ASN A 825 2.47 -25.23 -8.32
C ASN A 825 2.95 -26.69 -8.41
N THR A 826 4.26 -26.92 -8.29
CA THR A 826 4.77 -28.29 -8.23
C THR A 826 5.60 -28.52 -6.97
N GLU A 827 5.73 -29.77 -6.54
CA GLU A 827 6.58 -30.11 -5.43
C GLU A 827 8.05 -29.73 -5.72
N LEU A 828 8.42 -29.76 -7.00
CA LEU A 828 9.75 -29.38 -7.40
C LEU A 828 9.99 -27.89 -7.10
N GLN A 829 9.02 -27.06 -7.47
CA GLN A 829 9.19 -25.63 -7.29
C GLN A 829 9.18 -25.27 -5.82
N LEU A 830 8.30 -25.91 -5.05
CA LEU A 830 8.24 -25.75 -3.59
C LEU A 830 9.58 -26.12 -2.93
N TRP A 831 10.19 -27.21 -3.40
CA TRP A 831 11.46 -27.62 -2.86
C TRP A 831 12.57 -26.59 -3.14
N GLN A 832 12.55 -25.99 -4.32
CA GLN A 832 13.42 -24.89 -4.67
C GLN A 832 13.30 -23.72 -3.69
N MET A 833 12.08 -23.28 -3.45
CA MET A 833 11.77 -22.18 -2.55
C MET A 833 12.31 -22.48 -1.17
N GLU A 834 11.97 -23.66 -0.66
CA GLU A 834 12.36 -24.07 0.69
C GLU A 834 13.87 -24.16 0.82
N SER A 835 14.55 -24.59 -0.25
CA SER A 835 15.99 -24.70 -0.27
C SER A 835 16.67 -23.34 -0.25
N PHE A 836 16.11 -22.39 -0.99
CA PHE A 836 16.63 -21.08 -1.05
C PHE A 836 16.39 -20.41 0.32
N PHE A 837 15.19 -20.56 0.86
CA PHE A 837 14.87 -20.01 2.17
C PHE A 837 15.76 -20.58 3.28
N ALA A 838 16.11 -21.86 3.20
CA ALA A 838 16.95 -22.46 4.24
C ALA A 838 18.40 -21.99 4.10
N LYS A 839 18.79 -21.61 2.88
CA LYS A 839 20.14 -21.12 2.65
C LYS A 839 20.29 -19.69 3.15
N TYR A 840 19.23 -18.88 3.02
CA TYR A 840 19.21 -17.51 3.53
C TYR A 840 18.09 -17.31 4.54
N PRO A 841 18.24 -17.91 5.74
CA PRO A 841 17.17 -17.97 6.75
C PRO A 841 16.91 -16.63 7.46
N GLN A 842 17.82 -15.67 7.38
CA GLN A 842 17.56 -14.33 7.92
C GLN A 842 16.68 -13.56 6.95
N ALA A 843 15.40 -13.48 7.26
CA ALA A 843 14.43 -13.00 6.27
C ALA A 843 14.05 -11.53 6.44
N GLY A 844 14.32 -10.99 7.63
CA GLY A 844 14.01 -9.61 7.92
C GLY A 844 12.54 -9.31 7.72
N ALA A 845 12.25 -8.24 6.99
CA ALA A 845 10.88 -7.89 6.62
C ALA A 845 10.27 -8.87 5.60
N GLY A 846 11.03 -9.87 5.20
CA GLY A 846 10.53 -10.87 4.26
C GLY A 846 9.95 -12.09 4.94
N GLU A 847 9.88 -12.08 6.27
CA GLU A 847 9.48 -13.26 7.01
C GLU A 847 8.02 -13.68 6.76
N LYS A 848 7.09 -12.71 6.85
CA LYS A 848 5.68 -12.95 6.53
C LYS A 848 5.44 -13.31 5.06
N PRO A 849 5.97 -12.49 4.12
CA PRO A 849 5.79 -12.89 2.73
C PRO A 849 6.26 -14.32 2.47
N ARG A 850 7.38 -14.72 3.05
CA ARG A 850 7.83 -16.09 2.86
C ARG A 850 6.77 -17.11 3.30
N GLU A 851 6.25 -16.96 4.52
CA GLU A 851 5.18 -17.80 5.03
C GLU A 851 4.02 -17.84 4.05
N GLN A 852 3.63 -16.66 3.55
CA GLN A 852 2.47 -16.53 2.71
C GLN A 852 2.64 -17.22 1.36
N VAL A 853 3.74 -16.94 0.66
CA VAL A 853 3.97 -17.55 -0.63
C VAL A 853 4.14 -19.08 -0.51
N LEU A 854 4.69 -19.55 0.61
CA LEU A 854 4.85 -20.99 0.84
C LEU A 854 3.48 -21.63 0.97
N GLU A 855 2.60 -21.02 1.76
CA GLU A 855 1.24 -21.53 1.90
C GLU A 855 0.55 -21.58 0.54
N THR A 856 0.66 -20.50 -0.23
CA THR A 856 0.06 -20.39 -1.55
C THR A 856 0.55 -21.49 -2.50
N VAL A 857 1.86 -21.73 -2.53
CA VAL A 857 2.41 -22.73 -3.42
C VAL A 857 1.97 -24.14 -3.02
N LYS A 858 1.87 -24.38 -1.71
CA LYS A 858 1.34 -25.64 -1.19
C LYS A 858 -0.13 -25.81 -1.57
N ASN A 859 -0.91 -24.76 -1.42
CA ASN A 859 -2.30 -24.75 -1.87
C ASN A 859 -2.41 -25.06 -3.35
N ASN A 860 -1.56 -24.42 -4.17
CA ASN A 860 -1.57 -24.68 -5.61
C ASN A 860 -1.37 -26.15 -5.92
N ILE A 861 -0.38 -26.78 -5.28
CA ILE A 861 -0.10 -28.19 -5.50
C ILE A 861 -1.34 -29.05 -5.21
N GLU A 862 -1.98 -28.78 -4.05
CA GLU A 862 -3.17 -29.52 -3.63
C GLU A 862 -4.33 -29.25 -4.55
N TRP A 863 -4.48 -27.98 -4.91
CA TRP A 863 -5.51 -27.57 -5.84
C TRP A 863 -5.47 -28.40 -7.13
N LEU A 864 -4.29 -28.54 -7.74
CA LEU A 864 -4.17 -29.26 -9.00
C LEU A 864 -4.60 -30.71 -8.82
N LYS A 865 -4.26 -31.27 -7.66
CA LYS A 865 -4.54 -32.66 -7.36
C LYS A 865 -6.04 -32.87 -7.19
N GLN A 866 -6.69 -31.92 -6.52
CA GLN A 866 -8.12 -32.04 -6.23
C GLN A 866 -9.05 -31.78 -7.41
N HIS A 867 -8.66 -30.87 -8.30
CA HIS A 867 -9.59 -30.26 -9.25
C HIS A 867 -9.29 -30.41 -10.73
N ARG A 868 -8.13 -30.94 -11.10
CA ARG A 868 -7.80 -31.06 -12.52
C ARG A 868 -8.91 -31.77 -13.31
N ASN A 869 -9.23 -33.00 -12.91
CA ASN A 869 -10.23 -33.77 -13.63
C ASN A 869 -11.58 -33.10 -13.72
N THR A 870 -12.08 -32.58 -12.60
CA THR A 870 -13.38 -31.92 -12.56
C THR A 870 -13.42 -30.75 -13.54
N ILE A 871 -12.43 -29.88 -13.48
CA ILE A 871 -12.34 -28.78 -14.42
C ILE A 871 -12.20 -29.26 -15.87
N ARG A 872 -11.43 -30.32 -16.09
CA ARG A 872 -11.29 -30.91 -17.42
C ARG A 872 -12.66 -31.38 -17.96
N GLU A 873 -13.38 -32.15 -17.13
CA GLU A 873 -14.71 -32.62 -17.47
C GLU A 873 -15.61 -31.48 -17.90
N TRP A 874 -15.67 -30.43 -17.08
CA TRP A 874 -16.55 -29.32 -17.36
C TRP A 874 -16.23 -28.70 -18.72
N PHE A 875 -14.96 -28.53 -19.04
CA PHE A 875 -14.58 -27.93 -20.32
C PHE A 875 -14.75 -28.86 -21.52
N PHE A 876 -14.31 -30.11 -21.36
CA PHE A 876 -14.47 -31.12 -22.40
C PHE A 876 -15.92 -31.26 -22.82
N ASN A 877 -16.80 -31.48 -21.83
CA ASN A 877 -18.25 -31.68 -22.06
C ASN A 877 -18.92 -30.50 -22.72
N LEU A 878 -18.42 -29.31 -22.46
CA LEU A 878 -19.02 -28.11 -23.01
C LEU A 878 -18.66 -27.88 -24.47
N LEU A 879 -17.44 -28.24 -24.87
CA LEU A 879 -16.90 -27.84 -26.19
C LEU A 879 -17.10 -28.87 -27.30
#